data_3AFF
#
_entry.id   3AFF
#
_cell.length_a   69.140
_cell.length_b   175.770
_cell.length_c   179.490
_cell.angle_alpha   90.00
_cell.angle_beta   90.00
_cell.angle_gamma   90.00
#
_symmetry.space_group_name_H-M   'I 2 2 2'
#
loop_
_entity.id
_entity.type
_entity.pdbx_description
1 polymer 'Hydroxylase, putative'
2 water water
#
_entity_poly.entity_id   1
_entity_poly.type   'polypeptide(L)'
_entity_poly.pdbx_seq_one_letter_code
;MTSIQQRDAQSVLAAIDNLLPEIRDRAQATEDLRRLPDETVKALDDVGFFTLLQPQQWGGLQCDPALFFEATRRLASVCG
STGWVSSIVGVHNWHLALFDQRAQEEVWGEDPSTRISSSYAPMGAGVVVDGGYLVNGSWNWSSGCDHASWTFVGGPVIKD
GRPVDFGSFLIPRSEYEIKDVWYVVGLRGTGSNTLVVKDVFVPRHRFLSYKAMNDHTAGGLATNSAPVYKMPWGTMHPTT
ISAPIVGMAYGAYAAHVEHQGKRVRAAFAGEKAKDDPFAKVRIAEAASDIDAAWRQLIGNVSDEYALLAAGKEIPFELRA
RARRDQVRATGRSIASIDRLFEASGATALSNEAPIQRFWRDAHAGRVHAANDPERAYVIFGNHEFGLPPGDTMV
;
_entity_poly.pdbx_strand_id   A,B
#
# COMPACT_ATOMS: atom_id res chain seq x y z
N ARG A 7 16.44 39.30 -13.54
CA ARG A 7 16.44 37.79 -13.44
C ARG A 7 15.05 37.20 -13.25
N ASP A 8 14.67 36.38 -14.21
CA ASP A 8 13.43 35.61 -14.26
C ASP A 8 13.77 34.12 -14.56
N ALA A 9 12.75 33.28 -14.68
CA ALA A 9 12.94 31.85 -14.96
C ALA A 9 13.67 31.62 -16.27
N GLN A 10 13.29 32.37 -17.30
CA GLN A 10 13.96 32.24 -18.61
C GLN A 10 15.45 32.53 -18.55
N SER A 11 15.89 33.54 -17.80
CA SER A 11 17.36 33.78 -17.73
C SER A 11 18.12 32.76 -16.93
N VAL A 12 17.46 32.18 -15.91
CA VAL A 12 18.06 31.07 -15.16
C VAL A 12 18.27 29.95 -16.11
N LEU A 13 17.24 29.58 -16.84
CA LEU A 13 17.35 28.44 -17.82
C LEU A 13 18.54 28.66 -18.80
N ALA A 14 18.58 29.87 -19.38
CA ALA A 14 19.70 30.35 -20.22
C ALA A 14 21.08 30.16 -19.59
N ALA A 15 21.20 30.53 -18.30
CA ALA A 15 22.42 30.38 -17.52
C ALA A 15 22.82 28.95 -17.15
N ILE A 16 21.83 28.09 -16.96
CA ILE A 16 22.06 26.64 -16.82
C ILE A 16 22.70 26.06 -18.10
N ASP A 17 22.20 26.49 -19.25
CA ASP A 17 22.84 26.15 -20.49
C ASP A 17 24.34 26.46 -20.50
N ASN A 18 24.74 27.65 -20.03
CA ASN A 18 26.16 27.97 -19.95
C ASN A 18 26.95 27.07 -19.02
N LEU A 19 26.26 26.47 -18.04
CA LEU A 19 26.86 25.55 -17.12
C LEU A 19 27.10 24.12 -17.68
N LEU A 20 26.39 23.73 -18.72
CA LEU A 20 26.40 22.31 -19.10
C LEU A 20 27.75 21.75 -19.47
N PRO A 21 28.53 22.48 -20.30
CA PRO A 21 29.86 21.97 -20.62
C PRO A 21 30.74 21.62 -19.40
N GLU A 22 30.79 22.48 -18.38
CA GLU A 22 31.55 22.28 -17.13
C GLU A 22 31.02 21.10 -16.32
N ILE A 23 29.69 20.95 -16.26
CA ILE A 23 29.09 19.85 -15.54
C ILE A 23 29.41 18.55 -16.24
N ARG A 24 29.30 18.53 -17.58
CA ARG A 24 29.64 17.32 -18.35
C ARG A 24 31.07 16.83 -18.09
N ASP A 25 32.01 17.77 -18.01
CA ASP A 25 33.42 17.44 -17.87
C ASP A 25 33.71 16.81 -16.53
N ARG A 26 33.04 17.33 -15.50
CA ARG A 26 33.15 16.88 -14.10
C ARG A 26 32.47 15.50 -13.83
N ALA A 27 31.69 14.99 -14.78
CA ALA A 27 30.85 13.78 -14.57
C ALA A 27 31.52 12.57 -13.91
N GLN A 28 32.75 12.22 -14.31
CA GLN A 28 33.44 11.08 -13.69
C GLN A 28 33.91 11.46 -12.30
N ALA A 29 34.38 12.71 -12.15
CA ALA A 29 34.80 13.25 -10.85
C ALA A 29 33.66 13.24 -9.82
N THR A 30 32.45 13.54 -10.30
CA THR A 30 31.20 13.52 -9.51
C THR A 30 30.92 12.12 -9.01
N GLU A 31 30.84 11.12 -9.90
CA GLU A 31 30.81 9.72 -9.48
C GLU A 31 31.87 9.34 -8.46
N ASP A 32 33.10 9.77 -8.66
CA ASP A 32 34.21 9.43 -7.76
C ASP A 32 34.04 10.01 -6.35
N LEU A 33 33.52 11.24 -6.28
CA LEU A 33 33.22 11.91 -5.03
C LEU A 33 32.08 11.21 -4.28
N ARG A 34 31.11 10.68 -5.03
CA ARG A 34 29.92 10.01 -4.48
C ARG A 34 28.92 10.98 -3.88
N ARG A 35 28.99 12.22 -4.36
CA ARG A 35 28.15 13.32 -3.91
C ARG A 35 28.53 14.47 -4.84
N LEU A 36 27.68 15.48 -4.99
CA LEU A 36 27.99 16.60 -5.86
C LEU A 36 29.16 17.47 -5.36
N PRO A 37 30.08 17.85 -6.28
CA PRO A 37 31.18 18.74 -5.92
C PRO A 37 30.62 20.09 -5.46
N ASP A 38 31.21 20.68 -4.43
CA ASP A 38 30.78 21.99 -3.95
C ASP A 38 30.65 22.97 -5.11
N GLU A 39 31.59 22.88 -6.06
CA GLU A 39 31.66 23.77 -7.22
C GLU A 39 30.37 23.73 -8.05
N THR A 40 29.77 22.55 -8.21
CA THR A 40 28.57 22.52 -9.03
C THR A 40 27.33 23.04 -8.29
N VAL A 41 27.25 22.73 -6.98
CA VAL A 41 26.17 23.29 -6.09
C VAL A 41 26.27 24.79 -6.01
N LYS A 42 27.47 25.32 -5.83
CA LYS A 42 27.65 26.78 -5.80
C LYS A 42 27.25 27.41 -7.14
N ALA A 43 27.71 26.80 -8.24
CA ALA A 43 27.35 27.30 -9.59
C ALA A 43 25.84 27.40 -9.74
N LEU A 44 25.16 26.29 -9.47
CA LEU A 44 23.68 26.24 -9.51
C LEU A 44 23.04 27.27 -8.57
N ASP A 45 23.57 27.39 -7.37
CA ASP A 45 23.02 28.40 -6.48
C ASP A 45 23.20 29.82 -7.10
N ASP A 46 24.43 30.13 -7.53
CA ASP A 46 24.77 31.44 -8.17
C ASP A 46 23.89 31.83 -9.36
N VAL A 47 23.58 30.91 -10.27
CA VAL A 47 22.73 31.24 -11.45
C VAL A 47 21.25 31.29 -11.07
N GLY A 48 20.94 30.89 -9.83
CA GLY A 48 19.59 31.03 -9.33
C GLY A 48 18.71 29.78 -9.44
N PHE A 49 19.32 28.62 -9.70
CA PHE A 49 18.54 27.37 -9.91
C PHE A 49 17.62 27.02 -8.75
N PHE A 50 18.15 27.08 -7.51
CA PHE A 50 17.34 26.74 -6.31
C PHE A 50 16.21 27.71 -6.03
N THR A 51 16.30 28.92 -6.59
CA THR A 51 15.19 29.89 -6.45
C THR A 51 13.95 29.62 -7.29
N LEU A 52 14.05 28.70 -8.27
CA LEU A 52 13.05 28.58 -9.33
C LEU A 52 11.65 28.38 -8.81
N LEU A 53 11.53 27.44 -7.88
CA LEU A 53 10.25 27.07 -7.29
C LEU A 53 10.03 27.60 -5.88
N GLN A 54 11.02 28.35 -5.39
CA GLN A 54 10.95 29.06 -4.09
C GLN A 54 9.97 30.26 -4.13
N PRO A 55 9.22 30.53 -3.04
CA PRO A 55 8.30 31.68 -3.07
C PRO A 55 8.96 33.06 -3.20
N GLN A 56 8.22 33.97 -3.83
CA GLN A 56 8.68 35.35 -4.01
C GLN A 56 8.99 36.06 -2.67
N GLN A 57 8.23 35.79 -1.61
CA GLN A 57 8.56 36.43 -0.29
C GLN A 57 9.95 36.08 0.20
N TRP A 58 10.54 35.01 -0.34
CA TRP A 58 11.87 34.61 0.04
C TRP A 58 12.90 34.97 -1.00
N GLY A 59 12.49 35.77 -2.01
CA GLY A 59 13.31 36.03 -3.21
C GLY A 59 13.32 34.98 -4.32
N GLY A 60 12.28 34.13 -4.35
CA GLY A 60 12.27 33.01 -5.28
C GLY A 60 11.49 33.44 -6.50
N LEU A 61 11.46 32.59 -7.52
CA LEU A 61 10.70 32.88 -8.74
C LEU A 61 9.36 32.20 -8.84
N GLN A 62 8.99 31.36 -7.83
CA GLN A 62 7.73 30.60 -7.82
C GLN A 62 7.26 30.29 -9.25
N CYS A 63 8.19 29.73 -10.02
CA CYS A 63 8.05 29.59 -11.48
C CYS A 63 7.10 28.55 -12.01
N ASP A 64 6.87 28.66 -13.33
CA ASP A 64 6.11 27.68 -14.09
C ASP A 64 6.77 26.29 -13.86
N PRO A 65 6.02 25.32 -13.29
CA PRO A 65 6.69 24.04 -12.93
C PRO A 65 7.29 23.30 -14.17
N ALA A 66 6.76 23.56 -15.39
CA ALA A 66 7.36 22.93 -16.56
C ALA A 66 8.76 23.44 -16.87
N LEU A 67 9.04 24.72 -16.54
CA LEU A 67 10.37 25.22 -16.69
C LEU A 67 11.34 24.65 -15.71
N PHE A 68 10.91 24.48 -14.47
CA PHE A 68 11.76 23.80 -13.50
C PHE A 68 12.14 22.39 -13.97
N PHE A 69 11.18 21.58 -14.44
CA PHE A 69 11.53 20.22 -14.93
C PHE A 69 12.44 20.16 -16.17
N GLU A 70 12.26 21.13 -17.08
CA GLU A 70 13.15 21.32 -18.24
C GLU A 70 14.60 21.56 -17.84
N ALA A 71 14.80 22.49 -16.90
CA ALA A 71 16.08 22.66 -16.23
C ALA A 71 16.73 21.38 -15.73
N THR A 72 15.97 20.52 -15.03
CA THR A 72 16.53 19.25 -14.56
C THR A 72 16.85 18.26 -15.70
N ARG A 73 16.02 18.29 -16.74
CA ARG A 73 16.23 17.46 -17.96
C ARG A 73 17.59 17.81 -18.59
N ARG A 74 17.84 19.11 -18.80
CA ARG A 74 19.14 19.59 -19.31
C ARG A 74 20.32 19.18 -18.45
N LEU A 75 20.23 19.43 -17.15
CA LEU A 75 21.26 18.97 -16.24
C LEU A 75 21.52 17.50 -16.32
N ALA A 76 20.46 16.71 -16.35
CA ALA A 76 20.66 15.25 -16.33
C ALA A 76 21.17 14.75 -17.68
N SER A 77 21.02 15.55 -18.72
CA SER A 77 21.48 15.15 -20.06
C SER A 77 23.01 15.20 -20.15
N VAL A 78 23.65 15.83 -19.16
CA VAL A 78 25.13 15.88 -19.06
C VAL A 78 25.73 15.12 -17.89
N CYS A 79 24.97 14.96 -16.81
CA CYS A 79 25.44 14.28 -15.60
C CYS A 79 24.17 13.88 -14.87
N GLY A 80 23.92 12.57 -14.88
CA GLY A 80 22.70 12.02 -14.37
C GLY A 80 22.50 12.39 -12.90
N SER A 81 23.57 12.27 -12.12
CA SER A 81 23.59 12.50 -10.65
C SER A 81 23.32 13.94 -10.32
N THR A 82 23.89 14.86 -11.11
CA THR A 82 23.67 16.29 -10.92
C THR A 82 22.21 16.65 -11.20
N GLY A 83 21.69 16.19 -12.32
CA GLY A 83 20.27 16.43 -12.66
C GLY A 83 19.33 15.82 -11.61
N TRP A 84 19.63 14.58 -11.18
CA TRP A 84 18.87 13.91 -10.11
C TRP A 84 18.81 14.73 -8.79
N VAL A 85 19.97 15.08 -8.23
CA VAL A 85 20.04 15.87 -6.99
C VAL A 85 19.43 17.24 -7.18
N SER A 86 19.68 17.86 -8.32
CA SER A 86 19.10 19.19 -8.57
C SER A 86 17.58 19.18 -8.55
N SER A 87 17.00 18.24 -9.26
CA SER A 87 15.57 18.12 -9.24
C SER A 87 15.00 17.98 -7.80
N ILE A 88 15.54 17.02 -7.04
CA ILE A 88 15.03 16.62 -5.75
C ILE A 88 15.26 17.76 -4.72
N VAL A 89 16.47 18.25 -4.61
CA VAL A 89 16.77 19.38 -3.72
C VAL A 89 15.98 20.65 -4.15
N GLY A 90 15.88 20.99 -5.47
CA GLY A 90 15.05 22.15 -5.83
C GLY A 90 13.55 22.10 -5.58
N VAL A 91 12.93 20.94 -5.77
CA VAL A 91 11.52 20.80 -5.57
C VAL A 91 11.20 20.80 -4.06
N HIS A 92 12.21 20.63 -3.21
CA HIS A 92 11.87 20.75 -1.80
C HIS A 92 11.60 22.18 -1.40
N ASN A 93 12.05 23.14 -2.21
CA ASN A 93 11.67 24.56 -1.95
C ASN A 93 10.23 24.85 -2.27
N TRP A 94 9.67 24.09 -3.24
CA TRP A 94 8.23 23.98 -3.46
C TRP A 94 7.55 23.37 -2.23
N HIS A 95 8.10 22.26 -1.73
CA HIS A 95 7.39 21.57 -0.69
C HIS A 95 7.33 22.45 0.61
N LEU A 96 8.43 23.10 0.94
CA LEU A 96 8.54 23.97 2.17
C LEU A 96 7.59 25.15 2.15
N ALA A 97 7.30 25.62 0.93
CA ALA A 97 6.30 26.67 0.69
C ALA A 97 4.94 26.27 1.17
N LEU A 98 4.64 24.96 1.35
CA LEU A 98 3.30 24.56 1.81
C LEU A 98 3.30 24.40 3.36
N PHE A 99 4.47 24.41 3.96
CA PHE A 99 4.59 24.39 5.45
C PHE A 99 4.08 25.72 6.05
N ASP A 100 3.73 25.74 7.33
CA ASP A 100 3.26 27.01 7.73
CA ASP A 100 3.33 26.95 8.03
C ASP A 100 4.39 28.07 7.85
N GLN A 101 3.98 29.33 7.75
CA GLN A 101 4.93 30.44 7.64
C GLN A 101 6.03 30.35 8.72
N ARG A 102 5.67 29.93 9.94
CA ARG A 102 6.72 29.81 10.99
C ARG A 102 7.87 28.84 10.64
N ALA A 103 7.53 27.71 9.99
CA ALA A 103 8.53 26.74 9.57
C ALA A 103 9.41 27.35 8.49
N GLN A 104 8.77 28.00 7.51
CA GLN A 104 9.51 28.65 6.40
C GLN A 104 10.48 29.69 6.98
N GLU A 105 9.98 30.48 7.93
CA GLU A 105 10.80 31.51 8.66
C GLU A 105 12.02 30.91 9.34
N GLU A 106 11.84 29.76 10.01
CA GLU A 106 12.98 29.06 10.58
C GLU A 106 14.10 28.62 9.60
N VAL A 107 13.67 28.15 8.44
CA VAL A 107 14.61 27.72 7.41
C VAL A 107 15.31 28.88 6.68
N TRP A 108 14.49 29.83 6.23
CA TRP A 108 14.89 30.86 5.31
C TRP A 108 14.94 32.29 5.91
N GLY A 109 14.48 32.51 7.13
CA GLY A 109 14.37 33.87 7.70
C GLY A 109 15.69 34.63 7.76
N GLU A 110 16.82 33.91 7.87
CA GLU A 110 18.15 34.51 7.90
C GLU A 110 18.86 34.37 6.55
N ASP A 111 18.80 33.16 6.01
CA ASP A 111 19.47 32.85 4.76
C ASP A 111 18.52 32.12 3.81
N PRO A 112 17.92 32.84 2.85
CA PRO A 112 16.93 32.23 1.96
C PRO A 112 17.54 31.29 0.91
N SER A 113 18.85 31.12 0.98
CA SER A 113 19.54 30.15 0.08
C SER A 113 19.72 28.73 0.70
N THR A 114 19.25 28.60 1.93
CA THR A 114 19.30 27.34 2.69
C THR A 114 18.55 26.26 1.91
N ARG A 115 19.12 25.06 1.87
CA ARG A 115 18.52 23.90 1.16
C ARG A 115 18.05 22.78 2.10
N ILE A 116 17.13 21.94 1.60
CA ILE A 116 16.40 20.98 2.43
C ILE A 116 16.47 19.64 1.67
N SER A 117 16.91 18.56 2.31
CA SER A 117 16.86 17.24 1.66
C SER A 117 15.58 16.54 2.10
N SER A 118 15.33 15.31 1.64
CA SER A 118 14.16 14.55 2.06
C SER A 118 14.48 13.07 2.17
N SER A 119 13.69 12.37 2.96
CA SER A 119 13.51 10.92 2.75
C SER A 119 12.10 10.64 3.21
N TYR A 120 11.20 10.62 2.21
CA TYR A 120 9.73 10.54 2.42
C TYR A 120 9.17 9.15 2.72
N ALA A 121 9.96 8.13 2.44
CA ALA A 121 9.59 6.73 2.75
C ALA A 121 9.38 6.56 4.24
N PRO A 122 8.39 5.78 4.66
CA PRO A 122 8.09 5.75 6.07
C PRO A 122 9.13 4.90 6.86
N MET A 123 10.28 5.45 7.25
CA MET A 123 11.27 4.61 7.91
C MET A 123 11.44 5.06 9.39
N GLY A 124 10.39 5.64 9.97
CA GLY A 124 10.42 6.24 11.29
C GLY A 124 9.01 6.71 11.58
N ALA A 125 8.81 7.29 12.77
CA ALA A 125 7.52 7.79 13.15
C ALA A 125 7.69 9.01 14.11
N GLY A 126 6.60 9.74 14.33
CA GLY A 126 6.58 10.83 15.27
C GLY A 126 5.53 10.45 16.31
N VAL A 127 5.89 10.42 17.61
CA VAL A 127 4.90 10.07 18.60
C VAL A 127 4.46 11.38 19.27
N VAL A 128 3.16 11.63 19.38
CA VAL A 128 2.63 12.85 19.97
C VAL A 128 3.15 13.09 21.39
N VAL A 129 3.73 14.27 21.59
CA VAL A 129 4.15 14.74 22.98
C VAL A 129 3.59 16.16 23.29
N ASP A 130 3.85 16.68 24.48
CA ASP A 130 3.45 18.03 24.71
C ASP A 130 4.12 18.89 23.65
N GLY A 131 3.33 19.60 22.86
CA GLY A 131 3.93 20.68 22.02
C GLY A 131 4.28 20.26 20.58
N GLY A 132 4.11 18.98 20.24
CA GLY A 132 4.64 18.39 18.99
C GLY A 132 4.84 16.87 19.04
N TYR A 133 6.00 16.41 18.62
CA TYR A 133 6.22 14.98 18.32
C TYR A 133 7.61 14.64 18.74
N LEU A 134 7.77 13.42 19.21
CA LEU A 134 9.07 12.87 19.43
C LEU A 134 9.30 11.93 18.22
N VAL A 135 10.36 12.21 17.45
CA VAL A 135 10.62 11.51 16.19
C VAL A 135 11.84 10.59 16.31
N ASN A 136 11.69 9.40 15.73
CA ASN A 136 12.71 8.37 15.77
C ASN A 136 12.69 7.65 14.46
N GLY A 137 13.86 7.36 13.92
CA GLY A 137 13.90 6.54 12.73
C GLY A 137 15.22 6.57 12.05
N SER A 138 15.31 5.88 10.91
CA SER A 138 16.56 5.79 10.18
C SER A 138 16.20 5.73 8.69
N TRP A 139 16.43 6.81 7.97
CA TRP A 139 15.84 7.01 6.63
C TRP A 139 16.93 7.05 5.57
N ASN A 140 16.85 6.15 4.58
CA ASN A 140 17.88 6.05 3.55
C ASN A 140 17.55 6.84 2.29
N TRP A 141 18.49 6.82 1.34
CA TRP A 141 18.25 7.40 0.02
C TRP A 141 17.95 8.88 0.06
N SER A 142 18.64 9.64 0.91
CA SER A 142 18.37 11.08 0.96
C SER A 142 19.30 11.78 0.00
N SER A 143 18.89 11.89 -1.27
CA SER A 143 19.72 12.48 -2.32
C SER A 143 20.16 13.94 -2.02
N GLY A 144 21.47 14.21 -2.20
CA GLY A 144 22.01 15.56 -1.88
C GLY A 144 21.95 16.04 -0.42
N CYS A 145 21.79 15.11 0.52
CA CYS A 145 21.68 15.46 1.94
C CYS A 145 22.91 16.16 2.52
N ASP A 146 24.09 15.88 1.96
CA ASP A 146 25.33 16.49 2.40
C ASP A 146 25.34 17.97 2.04
N HIS A 147 24.40 18.40 1.20
CA HIS A 147 24.32 19.81 0.76
C HIS A 147 23.12 20.55 1.34
N ALA A 148 22.52 19.97 2.37
CA ALA A 148 21.33 20.60 2.98
C ALA A 148 21.56 20.89 4.47
N SER A 149 20.90 21.91 5.02
CA SER A 149 21.04 22.04 6.46
C SER A 149 19.74 21.76 7.28
N TRP A 150 18.74 21.25 6.57
CA TRP A 150 17.49 20.78 7.14
C TRP A 150 17.06 19.57 6.27
N THR A 151 16.12 18.78 6.78
CA THR A 151 15.60 17.65 6.03
C THR A 151 14.15 17.45 6.31
N PHE A 152 13.45 16.88 5.32
CA PHE A 152 12.15 16.21 5.58
C PHE A 152 12.32 14.72 5.81
N VAL A 153 11.54 14.14 6.72
CA VAL A 153 11.53 12.69 6.86
C VAL A 153 10.04 12.37 6.93
N GLY A 154 9.65 11.30 6.27
CA GLY A 154 8.28 10.90 6.25
C GLY A 154 7.93 9.78 7.22
N GLY A 155 6.66 9.77 7.66
CA GLY A 155 6.18 8.75 8.53
C GLY A 155 4.84 9.13 9.12
N PRO A 156 4.24 8.17 9.86
CA PRO A 156 2.97 8.42 10.51
C PRO A 156 3.21 9.20 11.80
N VAL A 157 2.16 9.88 12.28
CA VAL A 157 2.05 10.41 13.66
C VAL A 157 1.36 9.32 14.51
N ILE A 158 1.95 8.97 15.68
CA ILE A 158 1.37 7.93 16.57
C ILE A 158 0.81 8.65 17.77
N LYS A 159 -0.48 8.47 18.02
CA LYS A 159 -1.15 9.12 19.14
C LYS A 159 -2.02 8.13 19.86
N ASP A 160 -1.94 8.13 21.22
CA ASP A 160 -2.67 7.19 22.02
C ASP A 160 -2.36 5.75 21.54
N GLY A 161 -1.13 5.49 21.11
CA GLY A 161 -0.71 4.14 20.82
C GLY A 161 -1.05 3.58 19.45
N ARG A 162 -1.47 4.46 18.52
CA ARG A 162 -1.82 4.06 17.13
CA ARG A 162 -1.73 4.06 17.13
C ARG A 162 -1.59 5.21 16.11
N PRO A 163 -1.37 4.88 14.80
CA PRO A 163 -1.32 5.93 13.75
C PRO A 163 -2.60 6.72 13.61
N VAL A 164 -2.48 8.04 13.54
CA VAL A 164 -3.65 8.89 13.34
C VAL A 164 -3.41 9.89 12.18
N ASP A 165 -2.19 9.95 11.65
CA ASP A 165 -1.88 10.89 10.52
C ASP A 165 -0.57 10.45 9.87
N PHE A 166 -0.19 11.07 8.76
CA PHE A 166 0.98 10.69 7.96
C PHE A 166 1.45 11.94 7.19
N GLY A 167 2.75 12.21 7.21
CA GLY A 167 3.24 13.41 6.56
C GLY A 167 4.71 13.52 6.64
N SER A 168 5.22 14.75 6.60
CA SER A 168 6.66 15.02 6.64
C SER A 168 6.97 15.91 7.85
N PHE A 169 8.05 15.53 8.56
CA PHE A 169 8.61 16.23 9.68
C PHE A 169 9.81 16.94 9.14
N LEU A 170 9.90 18.23 9.42
CA LEU A 170 11.04 19.11 9.02
C LEU A 170 12.03 19.25 10.16
N ILE A 171 13.30 18.92 9.97
CA ILE A 171 14.17 18.76 11.16
C ILE A 171 15.49 19.39 10.77
N PRO A 172 16.10 20.19 11.67
CA PRO A 172 17.39 20.80 11.33
C PRO A 172 18.59 19.85 11.46
N ARG A 173 19.64 20.17 10.69
CA ARG A 173 20.87 19.38 10.58
C ARG A 173 21.58 19.04 11.92
N SER A 174 21.51 19.95 12.90
CA SER A 174 22.02 19.70 14.25
C SER A 174 21.33 18.55 14.97
N GLU A 175 20.12 18.18 14.53
CA GLU A 175 19.34 17.12 15.17
C GLU A 175 19.34 15.73 14.53
N TYR A 176 20.04 15.54 13.39
CA TYR A 176 20.27 14.16 12.84
C TYR A 176 21.73 13.96 12.43
N GLU A 177 22.07 12.71 12.10
CA GLU A 177 23.40 12.27 11.73
C GLU A 177 23.26 11.74 10.29
N ILE A 178 24.19 12.11 9.43
CA ILE A 178 24.26 11.51 8.10
C ILE A 178 25.24 10.34 8.13
N LYS A 179 24.73 9.14 7.94
CA LYS A 179 25.60 7.97 7.82
C LYS A 179 25.96 7.81 6.36
N ASP A 180 27.27 7.81 6.04
CA ASP A 180 27.75 7.63 4.65
C ASP A 180 27.77 6.16 4.22
N VAL A 181 26.76 5.78 3.43
CA VAL A 181 26.55 4.39 3.04
C VAL A 181 26.41 4.22 1.49
N TRP A 182 26.67 5.29 0.73
CA TRP A 182 26.33 5.39 -0.68
C TRP A 182 27.43 4.80 -1.62
N TYR A 183 27.47 3.49 -1.71
CA TYR A 183 28.48 2.76 -2.54
C TYR A 183 27.61 1.87 -3.42
N VAL A 184 27.31 2.31 -4.64
CA VAL A 184 26.20 1.80 -5.44
C VAL A 184 26.58 1.69 -6.93
N VAL A 185 25.79 0.91 -7.68
CA VAL A 185 26.03 0.65 -9.15
C VAL A 185 25.71 1.84 -10.05
N GLY A 186 24.75 2.70 -9.67
CA GLY A 186 24.41 3.88 -10.50
C GLY A 186 23.95 5.05 -9.67
N LEU A 187 23.92 6.23 -10.27
CA LEU A 187 23.64 7.46 -9.50
C LEU A 187 24.64 7.59 -8.33
N ARG A 188 25.91 7.32 -8.62
CA ARG A 188 26.92 7.33 -7.60
C ARG A 188 27.19 8.72 -7.05
N GLY A 189 27.04 9.75 -7.86
CA GLY A 189 27.41 11.08 -7.37
C GLY A 189 26.26 11.75 -6.64
N THR A 190 25.14 11.05 -6.35
CA THR A 190 23.98 11.70 -5.75
C THR A 190 24.14 11.76 -4.18
N GLY A 191 25.05 10.95 -3.64
CA GLY A 191 25.28 10.96 -2.18
C GLY A 191 23.98 10.75 -1.41
N SER A 192 23.20 9.78 -1.84
CA SER A 192 21.88 9.49 -1.28
C SER A 192 22.05 8.73 0.06
N ASN A 193 22.63 9.44 1.04
CA ASN A 193 23.00 8.85 2.33
C ASN A 193 21.84 8.70 3.34
N THR A 194 22.14 8.14 4.52
CA THR A 194 21.11 7.79 5.50
C THR A 194 21.00 8.73 6.69
N LEU A 195 19.77 9.02 7.13
CA LEU A 195 19.56 10.09 8.15
C LEU A 195 19.06 9.39 9.40
N VAL A 196 19.84 9.52 10.47
CA VAL A 196 19.52 8.84 11.73
C VAL A 196 19.00 9.86 12.73
N VAL A 197 17.81 9.62 13.28
CA VAL A 197 17.10 10.60 14.07
C VAL A 197 16.76 9.86 15.35
N LYS A 198 17.18 10.40 16.50
CA LYS A 198 16.89 9.74 17.80
C LYS A 198 16.30 10.72 18.79
N ASP A 199 15.07 10.44 19.20
CA ASP A 199 14.38 11.19 20.25
C ASP A 199 14.42 12.69 19.99
N VAL A 200 14.05 13.10 18.78
CA VAL A 200 14.05 14.51 18.41
C VAL A 200 12.67 15.14 18.55
N PHE A 201 12.59 16.20 19.36
CA PHE A 201 11.38 16.98 19.49
C PHE A 201 11.13 17.85 18.24
N VAL A 202 9.97 17.66 17.59
CA VAL A 202 9.56 18.45 16.41
C VAL A 202 8.30 19.15 16.78
N PRO A 203 8.31 20.48 16.72
CA PRO A 203 7.05 21.18 17.04
C PRO A 203 5.95 21.01 15.95
N ARG A 204 4.68 21.24 16.31
CA ARG A 204 3.59 21.07 15.35
C ARG A 204 3.68 21.83 14.01
N HIS A 205 4.30 23.01 14.03
CA HIS A 205 4.40 23.79 12.83
C HIS A 205 5.46 23.21 11.91
N ARG A 206 6.22 22.22 12.41
CA ARG A 206 7.18 21.56 11.52
C ARG A 206 6.80 20.12 11.12
N PHE A 207 5.53 19.84 11.11
CA PHE A 207 5.00 18.65 10.49
C PHE A 207 3.95 19.12 9.51
N LEU A 208 3.90 18.51 8.30
CA LEU A 208 2.85 18.84 7.34
C LEU A 208 2.25 17.51 6.85
N SER A 209 0.94 17.35 7.06
CA SER A 209 0.19 16.17 6.71
C SER A 209 -0.04 16.07 5.18
N TYR A 210 -0.01 14.85 4.67
CA TYR A 210 -0.37 14.58 3.25
C TYR A 210 -1.84 14.92 3.04
N LYS A 211 -2.68 14.76 4.08
CA LYS A 211 -4.07 15.08 3.96
C LYS A 211 -4.25 16.60 3.64
N ALA A 212 -3.59 17.43 4.46
CA ALA A 212 -3.61 18.87 4.33
C ALA A 212 -3.09 19.38 3.00
N MET A 213 -1.98 18.83 2.54
CA MET A 213 -1.45 19.16 1.23
C MET A 213 -2.54 18.84 0.14
N ASN A 214 -3.10 17.64 0.20
CA ASN A 214 -4.05 17.22 -0.83
C ASN A 214 -5.42 17.92 -0.69
N ASP A 215 -5.79 18.27 0.54
CA ASP A 215 -6.94 19.11 0.92
C ASP A 215 -6.96 20.54 0.43
N HIS A 216 -5.81 21.07 0.03
CA HIS A 216 -5.61 22.50 -0.15
C HIS A 216 -5.72 23.27 1.16
N THR A 217 -5.39 22.62 2.25
CA THR A 217 -5.34 23.31 3.55
C THR A 217 -3.96 23.49 4.19
N ALA A 218 -2.87 23.21 3.47
CA ALA A 218 -1.52 23.40 3.97
C ALA A 218 -1.34 24.88 4.44
N GLY A 219 -0.69 25.08 5.60
CA GLY A 219 -0.56 26.40 6.18
C GLY A 219 0.13 27.41 5.30
N GLY A 220 1.12 26.95 4.55
CA GLY A 220 1.91 27.82 3.69
C GLY A 220 1.11 28.50 2.58
N LEU A 221 -0.03 27.92 2.23
CA LEU A 221 -0.89 28.50 1.20
C LEU A 221 -1.46 29.88 1.55
N ALA A 222 -1.56 30.15 2.85
CA ALA A 222 -2.05 31.41 3.41
C ALA A 222 -1.08 32.56 3.12
N THR A 223 0.20 32.26 2.91
CA THR A 223 1.24 33.28 2.62
C THR A 223 1.92 33.12 1.25
N ASN A 224 1.72 31.97 0.58
CA ASN A 224 2.27 31.71 -0.76
C ASN A 224 1.16 31.37 -1.74
N SER A 225 0.73 32.41 -2.42
CA SER A 225 -0.50 32.40 -3.21
C SER A 225 -0.27 32.03 -4.69
N ALA A 226 0.98 31.93 -5.12
CA ALA A 226 1.30 31.65 -6.52
C ALA A 226 0.63 30.32 -6.93
N PRO A 227 0.10 30.26 -8.17
CA PRO A 227 -0.61 29.06 -8.66
C PRO A 227 0.26 27.76 -8.60
N VAL A 228 1.59 27.88 -8.69
CA VAL A 228 2.40 26.69 -8.68
C VAL A 228 2.24 25.88 -7.38
N TYR A 229 2.00 26.59 -6.26
CA TYR A 229 1.83 25.96 -4.95
C TYR A 229 0.56 25.17 -4.91
N LYS A 230 -0.31 25.33 -5.90
CA LYS A 230 -1.51 24.51 -5.98
C LYS A 230 -1.35 23.23 -6.82
N MET A 231 -0.16 22.94 -7.33
CA MET A 231 0.08 21.73 -8.15
C MET A 231 -0.09 20.46 -7.31
N PRO A 232 -0.58 19.35 -7.91
CA PRO A 232 -0.77 18.23 -7.06
C PRO A 232 0.52 17.51 -6.65
N TRP A 233 0.55 17.09 -5.39
CA TRP A 233 1.68 16.28 -4.92
C TRP A 233 1.94 15.05 -5.82
N GLY A 234 0.85 14.39 -6.20
CA GLY A 234 0.89 13.11 -6.95
C GLY A 234 1.47 13.25 -8.35
N THR A 235 1.43 14.48 -8.88
CA THR A 235 2.21 14.85 -10.07
C THR A 235 3.58 15.38 -9.76
N MET A 236 3.68 16.30 -8.82
CA MET A 236 4.99 16.97 -8.62
C MET A 236 6.08 16.01 -8.11
N HIS A 237 5.68 15.14 -7.21
CA HIS A 237 6.59 14.25 -6.53
C HIS A 237 7.18 13.21 -7.49
N PRO A 238 6.38 12.40 -8.20
CA PRO A 238 7.08 11.54 -9.18
C PRO A 238 7.77 12.23 -10.36
N THR A 239 7.23 13.35 -10.89
CA THR A 239 7.91 14.06 -11.99
C THR A 239 9.28 14.46 -11.58
N THR A 240 9.50 14.72 -10.30
CA THR A 240 10.85 15.06 -9.79
C THR A 240 11.91 14.06 -10.20
N ILE A 241 11.51 12.78 -10.20
CA ILE A 241 12.31 11.60 -10.53
C ILE A 241 12.30 11.30 -12.08
N SER A 242 11.11 11.32 -12.67
CA SER A 242 10.95 10.98 -14.07
C SER A 242 11.63 11.98 -15.00
N ALA A 243 11.55 13.29 -14.69
CA ALA A 243 12.22 14.25 -15.53
C ALA A 243 13.75 14.06 -15.71
N PRO A 244 14.53 13.93 -14.62
CA PRO A 244 15.91 13.70 -14.89
C PRO A 244 16.20 12.32 -15.53
N ILE A 245 15.36 11.33 -15.28
CA ILE A 245 15.55 10.02 -15.95
C ILE A 245 15.36 10.27 -17.44
N VAL A 246 14.30 10.98 -17.82
CA VAL A 246 14.18 11.33 -19.23
C VAL A 246 15.43 12.07 -19.81
N GLY A 247 15.89 13.15 -19.15
CA GLY A 247 17.17 13.80 -19.51
C GLY A 247 18.33 12.83 -19.64
N MET A 248 18.37 11.81 -18.77
CA MET A 248 19.42 10.83 -18.88
C MET A 248 19.36 10.08 -20.24
N ALA A 249 18.18 9.98 -20.84
CA ALA A 249 18.03 9.32 -22.15
C ALA A 249 18.54 10.22 -23.28
N TYR A 250 18.31 11.54 -23.14
CA TYR A 250 18.87 12.55 -24.03
C TYR A 250 20.39 12.51 -23.96
N GLY A 251 20.98 12.36 -22.76
CA GLY A 251 22.41 12.12 -22.61
C GLY A 251 22.96 10.89 -23.28
N ALA A 252 22.27 9.77 -23.18
CA ALA A 252 22.73 8.52 -23.75
C ALA A 252 22.76 8.70 -25.26
N TYR A 253 21.69 9.31 -25.78
CA TYR A 253 21.62 9.59 -27.23
C TYR A 253 22.80 10.43 -27.75
N ALA A 254 23.08 11.55 -27.10
CA ALA A 254 24.17 12.41 -27.50
C ALA A 254 25.50 11.66 -27.43
N ALA A 255 25.69 10.84 -26.40
CA ALA A 255 26.90 10.06 -26.22
C ALA A 255 27.10 9.02 -27.31
N HIS A 256 26.00 8.48 -27.82
CA HIS A 256 26.03 7.51 -28.87
C HIS A 256 26.37 8.18 -30.21
N VAL A 257 25.80 9.35 -30.46
CA VAL A 257 26.12 10.12 -31.64
C VAL A 257 27.61 10.51 -31.65
N GLU A 258 28.09 11.04 -30.52
CA GLU A 258 29.48 11.49 -30.35
C GLU A 258 30.58 10.41 -30.58
N HIS A 259 30.34 9.17 -30.16
CA HIS A 259 31.28 8.04 -30.28
C HIS A 259 31.42 7.49 -31.72
N GLN A 260 30.44 7.79 -32.56
CA GLN A 260 30.54 7.34 -33.94
C GLN A 260 30.86 8.50 -34.91
N ILE A 283 17.78 4.83 -32.90
CA ILE A 283 17.71 3.55 -33.66
C ILE A 283 16.70 3.71 -34.76
N ALA A 284 15.76 2.80 -35.02
CA ALA A 284 14.75 3.38 -35.90
C ALA A 284 14.18 4.56 -35.02
N GLU A 285 13.72 4.23 -33.83
CA GLU A 285 12.94 5.21 -33.11
C GLU A 285 13.45 5.53 -31.72
N ALA A 286 14.72 5.29 -31.44
CA ALA A 286 15.30 5.69 -30.16
C ALA A 286 15.13 7.20 -29.96
N ALA A 287 15.55 8.02 -30.92
CA ALA A 287 15.48 9.47 -30.76
C ALA A 287 14.06 10.01 -30.63
N SER A 288 13.14 9.39 -31.34
CA SER A 288 11.78 9.88 -31.37
C SER A 288 10.94 9.31 -30.25
N ASP A 289 11.32 8.13 -29.70
CA ASP A 289 10.69 7.63 -28.49
C ASP A 289 11.05 8.52 -27.30
N ILE A 290 12.30 8.96 -27.25
CA ILE A 290 12.80 9.81 -26.16
C ILE A 290 12.07 11.15 -26.18
N ASP A 291 11.99 11.78 -27.35
CA ASP A 291 11.27 13.05 -27.45
CA ASP A 291 11.25 13.03 -27.55
C ASP A 291 9.77 12.87 -27.20
N ALA A 292 9.18 11.73 -27.62
CA ALA A 292 7.75 11.48 -27.31
C ALA A 292 7.53 11.27 -25.78
N ALA A 293 8.46 10.61 -25.09
CA ALA A 293 8.36 10.35 -23.64
C ALA A 293 8.39 11.71 -22.92
N TRP A 294 9.31 12.58 -23.37
CA TRP A 294 9.38 13.94 -22.83
C TRP A 294 8.11 14.80 -23.05
N ARG A 295 7.64 14.92 -24.30
CA ARG A 295 6.41 15.69 -24.57
C ARG A 295 5.29 15.22 -23.68
N GLN A 296 5.15 13.89 -23.59
CA GLN A 296 4.10 13.28 -22.77
C GLN A 296 4.25 13.67 -21.27
N LEU A 297 5.45 13.51 -20.69
CA LEU A 297 5.65 13.85 -19.23
C LEU A 297 5.40 15.34 -18.89
N ILE A 298 6.03 16.23 -19.68
CA ILE A 298 5.99 17.66 -19.43
C ILE A 298 4.64 18.20 -19.86
N GLY A 299 4.00 17.49 -20.79
CA GLY A 299 2.63 17.79 -21.18
C GLY A 299 1.60 17.76 -20.08
N ASN A 300 1.64 16.74 -19.20
CA ASN A 300 0.71 16.68 -18.09
C ASN A 300 0.98 17.80 -17.08
N VAL A 301 2.25 18.15 -16.90
CA VAL A 301 2.61 19.28 -15.99
C VAL A 301 2.03 20.62 -16.52
N SER A 302 2.30 20.93 -17.79
CA SER A 302 1.70 22.09 -18.48
C SER A 302 0.18 22.16 -18.47
N ASP A 303 -0.49 21.03 -18.71
CA ASP A 303 -1.96 21.03 -18.65
C ASP A 303 -2.53 21.37 -17.28
N GLU A 304 -1.91 20.83 -16.25
CA GLU A 304 -2.35 21.08 -14.88
C GLU A 304 -2.06 22.53 -14.55
N TYR A 305 -0.84 23.00 -14.86
CA TYR A 305 -0.48 24.35 -14.51
C TYR A 305 -1.36 25.35 -15.24
N ALA A 306 -1.72 25.03 -16.49
CA ALA A 306 -2.56 25.90 -17.32
C ALA A 306 -3.92 26.09 -16.71
N LEU A 307 -4.48 25.02 -16.13
CA LEU A 307 -5.73 25.18 -15.39
C LEU A 307 -5.61 26.05 -14.11
N LEU A 308 -4.51 25.87 -13.36
CA LEU A 308 -4.35 26.61 -12.10
C LEU A 308 -4.14 28.13 -12.42
N ALA A 309 -3.32 28.44 -13.42
CA ALA A 309 -3.17 29.81 -13.93
C ALA A 309 -4.47 30.49 -14.30
N ALA A 310 -5.48 29.71 -14.73
CA ALA A 310 -6.79 30.23 -15.10
C ALA A 310 -7.75 30.30 -13.93
N GLY A 311 -7.25 29.92 -12.74
CA GLY A 311 -8.13 29.87 -11.58
C GLY A 311 -9.03 28.63 -11.59
N LYS A 312 -8.64 27.63 -12.37
CA LYS A 312 -9.43 26.40 -12.47
C LYS A 312 -8.89 25.20 -11.66
N GLU A 313 -9.77 24.26 -11.39
CA GLU A 313 -9.43 23.02 -10.72
C GLU A 313 -8.87 21.96 -11.67
N ILE A 314 -7.96 21.15 -11.15
CA ILE A 314 -7.43 20.01 -11.89
C ILE A 314 -8.35 18.78 -11.74
N PRO A 315 -8.81 18.19 -12.85
CA PRO A 315 -9.66 17.04 -12.60
C PRO A 315 -8.92 15.75 -12.21
N PHE A 316 -9.62 14.86 -11.55
CA PHE A 316 -9.00 13.60 -11.15
C PHE A 316 -8.46 12.86 -12.38
N GLU A 317 -9.20 12.86 -13.50
CA GLU A 317 -8.77 12.11 -14.70
C GLU A 317 -7.44 12.60 -15.22
N LEU A 318 -7.13 13.90 -15.05
CA LEU A 318 -5.83 14.42 -15.49
C LEU A 318 -4.68 13.95 -14.59
N ARG A 319 -4.87 14.03 -13.26
CA ARG A 319 -3.86 13.52 -12.33
C ARG A 319 -3.63 12.03 -12.57
N ALA A 320 -4.72 11.29 -12.75
CA ALA A 320 -4.63 9.85 -13.14
C ALA A 320 -3.82 9.53 -14.42
N ARG A 321 -4.09 10.22 -15.52
CA ARG A 321 -3.21 10.16 -16.72
C ARG A 321 -1.75 10.47 -16.38
N ALA A 322 -1.52 11.49 -15.55
CA ALA A 322 -0.15 11.94 -15.28
C ALA A 322 0.61 10.82 -14.55
N ARG A 323 -0.08 10.10 -13.65
CA ARG A 323 0.51 8.96 -12.99
C ARG A 323 0.86 7.78 -13.87
N ARG A 324 -0.06 7.37 -14.73
CA ARG A 324 0.21 6.28 -15.63
C ARG A 324 1.31 6.67 -16.61
N ASP A 325 1.38 7.95 -16.98
CA ASP A 325 2.47 8.42 -17.83
C ASP A 325 3.85 8.40 -17.21
N GLN A 326 3.97 8.40 -15.88
CA GLN A 326 5.32 8.30 -15.26
C GLN A 326 6.04 7.03 -15.70
N VAL A 327 5.42 5.86 -15.53
CA VAL A 327 6.02 4.64 -16.08
C VAL A 327 6.16 4.61 -17.59
N ARG A 328 5.22 5.17 -18.35
CA ARG A 328 5.34 5.09 -19.80
C ARG A 328 6.58 5.90 -20.25
N ALA A 329 6.75 7.11 -19.73
CA ALA A 329 7.85 7.97 -20.11
C ALA A 329 9.19 7.35 -19.76
N THR A 330 9.32 6.92 -18.52
CA THR A 330 10.53 6.43 -18.01
C THR A 330 10.84 5.05 -18.65
N GLY A 331 9.82 4.21 -18.80
CA GLY A 331 9.96 2.93 -19.57
C GLY A 331 10.46 3.02 -21.02
N ARG A 332 9.87 3.94 -21.78
CA ARG A 332 10.28 4.22 -23.16
C ARG A 332 11.74 4.71 -23.22
N SER A 333 12.04 5.66 -22.33
CA SER A 333 13.34 6.25 -22.17
C SER A 333 14.38 5.24 -21.90
N ILE A 334 14.14 4.36 -20.91
CA ILE A 334 15.10 3.39 -20.51
C ILE A 334 15.27 2.36 -21.68
N ALA A 335 14.17 1.98 -22.31
CA ALA A 335 14.24 1.01 -23.43
C ALA A 335 15.23 1.50 -24.53
N SER A 336 15.05 2.76 -24.95
CA SER A 336 15.94 3.47 -25.85
C SER A 336 17.37 3.55 -25.34
N ILE A 337 17.58 3.88 -24.06
CA ILE A 337 18.93 3.81 -23.51
C ILE A 337 19.54 2.42 -23.65
N ASP A 338 18.74 1.39 -23.39
CA ASP A 338 19.17 0.02 -23.61
C ASP A 338 19.60 -0.31 -25.08
N ARG A 339 18.76 0.06 -26.07
CA ARG A 339 19.13 -0.10 -27.51
C ARG A 339 20.40 0.69 -27.77
N LEU A 340 20.44 1.94 -27.35
CA LEU A 340 21.65 2.68 -27.54
C LEU A 340 22.93 2.06 -26.97
N PHE A 341 22.85 1.58 -25.74
CA PHE A 341 23.97 0.97 -25.03
C PHE A 341 24.52 -0.25 -25.80
N GLU A 342 23.60 -0.94 -26.44
CA GLU A 342 23.92 -2.15 -27.19
C GLU A 342 24.36 -1.87 -28.61
N ALA A 343 24.31 -0.61 -29.06
CA ALA A 343 24.62 -0.27 -30.43
C ALA A 343 25.67 0.82 -30.50
N SER A 344 26.52 0.89 -29.49
CA SER A 344 27.58 1.88 -29.47
C SER A 344 28.96 1.25 -29.48
N GLY A 345 29.09 0.04 -30.02
CA GLY A 345 30.42 -0.54 -30.12
C GLY A 345 30.78 -1.39 -28.92
N ALA A 346 31.74 -2.29 -29.11
CA ALA A 346 32.13 -3.27 -28.10
C ALA A 346 32.84 -2.64 -26.94
N THR A 347 33.23 -1.38 -27.10
CA THR A 347 33.88 -0.61 -26.03
C THR A 347 32.89 0.08 -25.07
N ALA A 348 31.59 -0.03 -25.35
CA ALA A 348 30.53 0.67 -24.61
C ALA A 348 30.57 0.34 -23.12
N LEU A 349 31.15 -0.81 -22.80
CA LEU A 349 31.37 -1.28 -21.42
C LEU A 349 32.48 -0.60 -20.67
N SER A 350 33.40 0.04 -21.37
CA SER A 350 34.54 0.67 -20.74
C SER A 350 34.10 1.74 -19.73
N ASN A 351 34.79 1.77 -18.60
CA ASN A 351 34.59 2.80 -17.57
C ASN A 351 34.74 4.21 -18.07
N GLU A 352 35.39 4.38 -19.24
CA GLU A 352 35.66 5.72 -19.80
C GLU A 352 34.56 6.14 -20.78
N ALA A 353 33.55 5.28 -20.98
CA ALA A 353 32.51 5.53 -21.98
C ALA A 353 31.29 6.25 -21.34
N PRO A 354 30.95 7.47 -21.82
CA PRO A 354 29.82 8.21 -21.22
C PRO A 354 28.54 7.41 -21.23
N ILE A 355 28.39 6.50 -22.19
CA ILE A 355 27.09 5.88 -22.37
C ILE A 355 26.78 4.81 -21.28
N GLN A 356 27.78 4.10 -20.77
CA GLN A 356 27.51 3.21 -19.67
C GLN A 356 27.03 3.96 -18.41
N ARG A 357 27.44 5.22 -18.26
CA ARG A 357 27.13 5.97 -17.08
C ARG A 357 25.69 6.42 -17.11
N PHE A 358 25.24 6.99 -18.22
CA PHE A 358 23.85 7.30 -18.39
C PHE A 358 22.98 6.09 -18.25
N TRP A 359 23.43 4.97 -18.81
CA TRP A 359 22.75 3.67 -18.69
C TRP A 359 22.61 3.25 -17.21
N ARG A 360 23.70 3.33 -16.44
CA ARG A 360 23.66 2.88 -15.03
C ARG A 360 22.78 3.86 -14.22
N ASP A 361 22.87 5.16 -14.55
CA ASP A 361 22.25 6.23 -13.78
C ASP A 361 20.80 6.11 -14.03
N ALA A 362 20.44 5.85 -15.29
CA ALA A 362 19.02 5.72 -15.62
C ALA A 362 18.37 4.51 -14.97
N HIS A 363 19.07 3.36 -14.98
CA HIS A 363 18.51 2.18 -14.36
C HIS A 363 18.40 2.28 -12.83
N ALA A 364 19.39 2.92 -12.23
CA ALA A 364 19.40 3.19 -10.79
C ALA A 364 18.18 4.03 -10.45
N GLY A 365 17.91 5.04 -11.28
CA GLY A 365 16.69 5.86 -11.10
C GLY A 365 15.42 5.04 -11.09
N ARG A 366 15.30 4.18 -12.10
CA ARG A 366 14.19 3.27 -12.24
C ARG A 366 14.00 2.35 -11.02
N VAL A 367 15.07 1.83 -10.47
CA VAL A 367 14.94 1.06 -9.22
C VAL A 367 14.35 1.91 -8.09
N HIS A 368 14.79 3.16 -7.95
CA HIS A 368 14.18 4.07 -6.99
C HIS A 368 12.68 4.24 -7.22
N ALA A 369 12.28 4.61 -8.46
CA ALA A 369 10.88 4.74 -8.87
C ALA A 369 10.10 3.45 -8.64
N ALA A 370 10.69 2.29 -8.95
CA ALA A 370 9.91 1.05 -8.74
C ALA A 370 9.78 0.72 -7.24
N ASN A 371 10.66 1.22 -6.39
CA ASN A 371 10.60 1.01 -4.93
C ASN A 371 9.83 2.13 -4.18
N ASP A 372 9.03 2.94 -4.89
CA ASP A 372 8.39 4.07 -4.20
C ASP A 372 7.16 3.53 -3.46
N PRO A 373 7.05 3.76 -2.15
CA PRO A 373 5.80 3.32 -1.47
C PRO A 373 4.47 3.96 -1.93
N GLU A 374 4.52 5.11 -2.57
CA GLU A 374 3.31 5.75 -3.00
C GLU A 374 2.62 4.96 -4.08
N ARG A 375 3.32 4.07 -4.74
CA ARG A 375 2.64 3.16 -5.66
C ARG A 375 1.62 2.33 -4.86
N ALA A 376 1.83 2.12 -3.56
CA ALA A 376 0.84 1.37 -2.83
C ALA A 376 -0.16 2.35 -2.21
N TYR A 377 0.31 3.52 -1.76
CA TYR A 377 -0.61 4.44 -1.05
C TYR A 377 -1.86 4.75 -1.86
N VAL A 378 -1.72 4.83 -3.15
CA VAL A 378 -2.86 5.13 -4.02
C VAL A 378 -4.09 4.15 -3.92
N ILE A 379 -3.79 2.92 -3.57
CA ILE A 379 -4.74 1.81 -3.43
C ILE A 379 -5.51 1.90 -2.10
N PHE A 380 -4.87 2.42 -1.05
CA PHE A 380 -5.53 2.57 0.26
C PHE A 380 -6.77 3.49 0.23
N GLY A 381 -7.94 3.00 0.64
CA GLY A 381 -9.12 3.85 0.68
C GLY A 381 -9.68 4.09 2.08
N ASN A 382 -8.97 3.65 3.11
CA ASN A 382 -9.54 3.60 4.46
C ASN A 382 -8.63 4.18 5.59
N HIS A 383 -7.83 5.20 5.24
CA HIS A 383 -7.04 5.91 6.28
CA HIS A 383 -6.99 5.94 6.16
C HIS A 383 -5.97 5.01 6.86
N GLU A 384 -5.57 3.95 6.12
CA GLU A 384 -4.54 3.02 6.59
C GLU A 384 -3.31 3.78 6.97
N PHE A 385 -2.81 3.50 8.17
CA PHE A 385 -1.60 4.17 8.68
C PHE A 385 -1.59 5.69 8.79
N GLY A 386 -2.76 6.32 8.90
CA GLY A 386 -2.88 7.73 8.94
C GLY A 386 -2.92 8.42 7.60
N LEU A 387 -2.83 7.64 6.53
CA LEU A 387 -2.75 8.16 5.17
C LEU A 387 -4.10 8.77 4.73
N PRO A 388 -4.08 9.71 3.75
CA PRO A 388 -5.33 10.24 3.21
C PRO A 388 -5.91 9.23 2.21
N PRO A 389 -7.17 9.44 1.74
CA PRO A 389 -7.75 8.53 0.77
C PRO A 389 -6.83 8.48 -0.43
N GLY A 390 -6.58 7.27 -0.92
CA GLY A 390 -5.62 7.00 -1.96
C GLY A 390 -5.83 7.75 -3.25
N ASP A 391 -7.09 8.04 -3.62
CA ASP A 391 -7.32 8.82 -4.86
CA ASP A 391 -7.38 8.84 -4.84
C ASP A 391 -6.78 10.26 -4.76
N THR A 392 -6.63 10.80 -3.52
CA THR A 392 -6.05 12.15 -3.34
C THR A 392 -4.54 12.17 -3.60
N MET A 393 -3.92 10.99 -3.50
CA MET A 393 -2.49 10.81 -3.72
C MET A 393 -2.07 10.63 -5.18
N VAL A 394 -3.03 10.29 -6.02
CA VAL A 394 -2.74 9.96 -7.41
C VAL A 394 -2.11 11.14 -8.17
N ARG B 7 -17.08 -39.54 12.17
CA ARG B 7 -17.39 -38.22 11.49
C ARG B 7 -16.19 -37.68 10.75
N ASP B 8 -16.44 -37.25 9.51
CA ASP B 8 -15.37 -36.84 8.65
C ASP B 8 -15.80 -35.64 7.80
N ALA B 9 -14.89 -35.14 6.98
CA ALA B 9 -15.16 -33.94 6.21
C ALA B 9 -16.45 -34.12 5.40
N GLN B 10 -16.51 -35.23 4.67
CA GLN B 10 -17.64 -35.59 3.80
C GLN B 10 -18.98 -35.62 4.55
N SER B 11 -18.95 -36.20 5.76
CA SER B 11 -20.16 -36.25 6.57
C SER B 11 -20.57 -34.91 7.16
N VAL B 12 -19.59 -34.02 7.41
CA VAL B 12 -19.94 -32.68 7.88
C VAL B 12 -20.65 -31.99 6.74
N LEU B 13 -20.09 -32.12 5.54
CA LEU B 13 -20.69 -31.49 4.36
C LEU B 13 -22.14 -31.93 4.18
N ALA B 14 -22.39 -33.23 4.34
CA ALA B 14 -23.75 -33.79 4.25
C ALA B 14 -24.66 -33.20 5.33
N ALA B 15 -24.19 -33.19 6.56
CA ALA B 15 -24.93 -32.59 7.64
C ALA B 15 -25.29 -31.12 7.36
N ILE B 16 -24.35 -30.37 6.75
CA ILE B 16 -24.61 -28.99 6.34
C ILE B 16 -25.72 -28.91 5.27
N ASP B 17 -25.59 -29.70 4.21
CA ASP B 17 -26.68 -29.86 3.19
C ASP B 17 -28.07 -30.02 3.87
N ASN B 18 -28.17 -30.96 4.80
CA ASN B 18 -29.40 -31.13 5.58
C ASN B 18 -29.89 -29.87 6.34
N LEU B 19 -28.97 -28.92 6.57
CA LEU B 19 -29.23 -27.77 7.45
C LEU B 19 -29.81 -26.59 6.66
N LEU B 20 -29.57 -26.61 5.35
CA LEU B 20 -29.88 -25.50 4.43
C LEU B 20 -31.34 -25.03 4.39
N PRO B 21 -32.32 -25.96 4.41
CA PRO B 21 -33.70 -25.43 4.42
C PRO B 21 -34.04 -24.59 5.65
N GLU B 22 -33.64 -25.04 6.84
CA GLU B 22 -33.87 -24.21 8.05
C GLU B 22 -33.28 -22.78 7.93
N ILE B 23 -32.10 -22.69 7.31
CA ILE B 23 -31.33 -21.47 7.28
C ILE B 23 -31.95 -20.57 6.27
N ARG B 24 -32.37 -21.17 5.14
CA ARG B 24 -33.09 -20.45 4.09
C ARG B 24 -34.35 -19.77 4.62
N ASP B 25 -35.13 -20.51 5.43
CA ASP B 25 -36.36 -19.92 6.01
C ASP B 25 -36.12 -18.83 7.06
N ARG B 26 -34.93 -18.81 7.69
CA ARG B 26 -34.60 -17.69 8.58
C ARG B 26 -33.79 -16.58 7.97
N ALA B 27 -33.49 -16.67 6.68
CA ALA B 27 -32.74 -15.62 5.99
C ALA B 27 -33.18 -14.20 6.37
N GLN B 28 -34.50 -13.96 6.31
CA GLN B 28 -35.04 -12.63 6.57
C GLN B 28 -34.95 -12.26 8.03
N ALA B 29 -35.18 -13.24 8.91
CA ALA B 29 -34.98 -13.10 10.37
C ALA B 29 -33.55 -12.69 10.72
N THR B 30 -32.59 -13.48 10.21
CA THR B 30 -31.16 -13.17 10.25
C THR B 30 -30.86 -11.70 9.83
N GLU B 31 -31.32 -11.31 8.65
CA GLU B 31 -31.23 -9.91 8.25
C GLU B 31 -31.72 -8.89 9.31
N ASP B 32 -32.87 -9.18 9.96
CA ASP B 32 -33.52 -8.24 10.90
C ASP B 32 -32.78 -8.16 12.20
N LEU B 33 -32.28 -9.31 12.64
CA LEU B 33 -31.36 -9.44 13.80
C LEU B 33 -30.05 -8.61 13.68
N ARG B 34 -29.49 -8.55 12.46
CA ARG B 34 -28.20 -7.94 12.18
C ARG B 34 -27.00 -8.70 12.78
N ARG B 35 -27.14 -10.01 12.95
CA ARG B 35 -26.10 -10.89 13.41
C ARG B 35 -26.68 -12.29 13.23
N LEU B 36 -25.88 -13.34 13.21
CA LEU B 36 -26.47 -14.68 13.06
C LEU B 36 -27.25 -15.06 14.34
N PRO B 37 -28.46 -15.63 14.18
CA PRO B 37 -29.20 -16.24 15.30
C PRO B 37 -28.33 -17.31 16.01
N ASP B 38 -28.39 -17.34 17.34
CA ASP B 38 -27.70 -18.35 18.13
C ASP B 38 -27.99 -19.76 17.59
N GLU B 39 -29.20 -19.94 17.06
CA GLU B 39 -29.63 -21.27 16.65
C GLU B 39 -28.86 -21.77 15.43
N THR B 40 -28.60 -20.87 14.46
CA THR B 40 -27.73 -21.21 13.31
C THR B 40 -26.33 -21.61 13.83
N VAL B 41 -25.75 -20.75 14.68
CA VAL B 41 -24.38 -20.97 15.18
C VAL B 41 -24.33 -22.31 15.93
N LYS B 42 -25.34 -22.54 16.79
CA LYS B 42 -25.43 -23.84 17.52
C LYS B 42 -25.50 -24.98 16.53
N ALA B 43 -26.36 -24.86 15.50
CA ALA B 43 -26.49 -25.95 14.51
C ALA B 43 -25.15 -26.24 13.84
N LEU B 44 -24.45 -25.17 13.39
CA LEU B 44 -23.17 -25.36 12.66
C LEU B 44 -22.16 -26.03 13.54
N ASP B 45 -22.15 -25.64 14.81
CA ASP B 45 -21.26 -26.27 15.73
C ASP B 45 -21.61 -27.75 15.90
N ASP B 46 -22.88 -28.04 16.21
CA ASP B 46 -23.33 -29.41 16.46
C ASP B 46 -22.94 -30.32 15.31
N VAL B 47 -23.03 -29.80 14.10
CA VAL B 47 -22.79 -30.56 12.89
C VAL B 47 -21.29 -30.80 12.58
N GLY B 48 -20.41 -30.11 13.34
CA GLY B 48 -18.96 -30.18 13.11
C GLY B 48 -18.31 -29.18 12.13
N PHE B 49 -19.06 -28.16 11.70
CA PHE B 49 -18.58 -27.16 10.70
C PHE B 49 -17.32 -26.43 11.17
N PHE B 50 -17.34 -25.95 12.42
CA PHE B 50 -16.15 -25.20 12.94
C PHE B 50 -14.92 -26.05 13.09
N THR B 51 -15.16 -27.34 13.09
CA THR B 51 -14.15 -28.38 13.25
C THR B 51 -13.32 -28.63 11.98
N LEU B 52 -13.84 -28.21 10.82
CA LEU B 52 -13.27 -28.63 9.54
C LEU B 52 -11.81 -28.30 9.32
N LEU B 53 -11.40 -27.06 9.62
CA LEU B 53 -9.99 -26.69 9.39
C LEU B 53 -9.23 -26.63 10.72
N GLN B 54 -9.91 -26.97 11.83
CA GLN B 54 -9.28 -27.01 13.19
C GLN B 54 -8.31 -28.21 13.31
N PRO B 55 -7.13 -28.03 13.98
CA PRO B 55 -6.22 -29.18 14.03
C PRO B 55 -6.79 -30.38 14.80
N GLN B 56 -6.32 -31.55 14.37
CA GLN B 56 -6.60 -32.84 15.01
C GLN B 56 -6.34 -32.85 16.50
N GLN B 57 -5.27 -32.22 16.98
CA GLN B 57 -5.02 -32.29 18.44
C GLN B 57 -6.14 -31.66 19.27
N TRP B 58 -6.99 -30.81 18.67
CA TRP B 58 -8.10 -30.19 19.36
C TRP B 58 -9.42 -30.87 18.97
N GLY B 59 -9.37 -32.05 18.31
CA GLY B 59 -10.59 -32.76 17.88
C GLY B 59 -11.07 -32.32 16.50
N GLY B 60 -10.21 -31.58 15.77
CA GLY B 60 -10.63 -30.98 14.51
C GLY B 60 -10.31 -31.88 13.35
N LEU B 61 -10.76 -31.52 12.15
CA LEU B 61 -10.57 -32.41 11.04
C LEU B 61 -9.48 -32.01 10.10
N GLN B 62 -8.80 -30.87 10.35
CA GLN B 62 -7.69 -30.40 9.48
C GLN B 62 -7.84 -30.73 7.95
N CYS B 63 -9.01 -30.38 7.41
CA CYS B 63 -9.46 -30.92 6.12
C CYS B 63 -8.85 -30.29 4.88
N ASP B 64 -9.11 -30.95 3.77
CA ASP B 64 -8.85 -30.43 2.47
C ASP B 64 -9.55 -29.09 2.40
N PRO B 65 -8.79 -28.04 2.12
CA PRO B 65 -9.42 -26.72 2.10
C PRO B 65 -10.55 -26.55 1.04
N ALA B 66 -10.51 -27.30 -0.06
CA ALA B 66 -11.57 -27.22 -1.06
C ALA B 66 -12.95 -27.58 -0.50
N LEU B 67 -12.96 -28.53 0.43
CA LEU B 67 -14.17 -28.94 1.13
C LEU B 67 -14.63 -27.88 2.07
N PHE B 68 -13.67 -27.24 2.77
CA PHE B 68 -14.13 -26.21 3.66
C PHE B 68 -14.84 -25.14 2.85
N PHE B 69 -14.23 -24.71 1.77
CA PHE B 69 -14.81 -23.62 0.97
C PHE B 69 -16.14 -24.02 0.29
N GLU B 70 -16.25 -25.30 -0.07
CA GLU B 70 -17.51 -25.87 -0.59
C GLU B 70 -18.61 -25.75 0.46
N ALA B 71 -18.35 -26.04 1.73
CA ALA B 71 -19.34 -25.83 2.78
C ALA B 71 -19.81 -24.38 2.81
N THR B 72 -18.87 -23.43 2.66
CA THR B 72 -19.24 -22.01 2.78
C THR B 72 -20.08 -21.63 1.59
N ARG B 73 -19.77 -22.24 0.44
CA ARG B 73 -20.54 -21.99 -0.80
C ARG B 73 -22.01 -22.44 -0.62
N ARG B 74 -22.20 -23.65 -0.08
CA ARG B 74 -23.56 -24.16 0.25
C ARG B 74 -24.31 -23.26 1.19
N LEU B 75 -23.64 -22.78 2.26
CA LEU B 75 -24.35 -21.92 3.23
C LEU B 75 -24.77 -20.62 2.59
N ALA B 76 -23.85 -20.02 1.82
CA ALA B 76 -24.05 -18.74 1.17
C ALA B 76 -25.19 -18.76 0.17
N SER B 77 -25.38 -19.94 -0.47
CA SER B 77 -26.41 -20.18 -1.50
C SER B 77 -27.85 -20.08 -0.91
N VAL B 78 -27.90 -20.02 0.40
CA VAL B 78 -29.15 -20.05 1.07
C VAL B 78 -29.34 -18.77 1.89
N CYS B 79 -28.25 -18.21 2.43
CA CYS B 79 -28.26 -16.97 3.24
C CYS B 79 -26.85 -16.39 3.12
N GLY B 80 -26.76 -15.28 2.42
CA GLY B 80 -25.48 -14.63 2.19
C GLY B 80 -24.73 -14.35 3.49
N SER B 81 -25.44 -13.81 4.46
CA SER B 81 -24.86 -13.48 5.76
C SER B 81 -24.31 -14.69 6.51
N THR B 82 -25.01 -15.82 6.43
CA THR B 82 -24.61 -17.02 7.15
C THR B 82 -23.37 -17.67 6.52
N GLY B 83 -23.32 -17.74 5.19
CA GLY B 83 -22.11 -18.29 4.54
C GLY B 83 -20.90 -17.38 4.73
N TRP B 84 -21.14 -16.07 4.78
CA TRP B 84 -20.06 -15.08 4.98
C TRP B 84 -19.38 -15.25 6.37
N VAL B 85 -20.21 -15.23 7.43
CA VAL B 85 -19.79 -15.34 8.85
C VAL B 85 -19.16 -16.70 9.06
N SER B 86 -19.73 -17.75 8.46
CA SER B 86 -19.23 -19.11 8.68
C SER B 86 -17.85 -19.30 8.05
N SER B 87 -17.67 -18.86 6.80
CA SER B 87 -16.38 -18.89 6.17
C SER B 87 -15.29 -18.13 6.99
N ILE B 88 -15.61 -16.92 7.44
CA ILE B 88 -14.65 -16.09 8.15
C ILE B 88 -14.31 -16.68 9.56
N VAL B 89 -15.32 -17.07 10.33
CA VAL B 89 -15.06 -17.55 11.65
C VAL B 89 -14.50 -18.97 11.61
N GLY B 90 -14.97 -19.78 10.66
CA GLY B 90 -14.33 -21.10 10.49
C GLY B 90 -12.87 -21.10 10.08
N VAL B 91 -12.48 -20.20 9.18
CA VAL B 91 -11.11 -20.16 8.70
C VAL B 91 -10.16 -19.62 9.78
N HIS B 92 -10.70 -18.90 10.76
CA HIS B 92 -9.83 -18.45 11.87
C HIS B 92 -9.26 -19.63 12.68
N ASN B 93 -9.94 -20.78 12.61
CA ASN B 93 -9.41 -22.00 13.24
C ASN B 93 -8.19 -22.50 12.47
N TRP B 94 -8.15 -22.26 11.15
CA TRP B 94 -6.92 -22.52 10.41
C TRP B 94 -5.75 -21.56 10.88
N HIS B 95 -6.10 -20.27 11.02
CA HIS B 95 -5.13 -19.23 11.28
C HIS B 95 -4.55 -19.43 12.68
N LEU B 96 -5.41 -19.78 13.62
CA LEU B 96 -4.93 -20.11 15.03
C LEU B 96 -4.01 -21.32 15.12
N ALA B 97 -4.17 -22.29 14.23
CA ALA B 97 -3.25 -23.43 14.16
C ALA B 97 -1.80 -23.02 13.91
N LEU B 98 -1.57 -21.78 13.45
CA LEU B 98 -0.24 -21.32 13.09
C LEU B 98 0.42 -20.56 14.22
N PHE B 99 -0.38 -20.04 15.14
CA PHE B 99 0.16 -19.42 16.40
C PHE B 99 0.89 -20.47 17.27
N ASP B 100 1.76 -20.01 18.17
CA ASP B 100 2.47 -21.03 18.92
CA ASP B 100 2.49 -20.86 19.11
C ASP B 100 1.52 -21.79 19.84
N GLN B 101 1.93 -23.01 20.14
CA GLN B 101 1.16 -23.96 20.89
C GLN B 101 0.48 -23.35 22.14
N ARG B 102 1.17 -22.49 22.92
CA ARG B 102 0.58 -21.90 24.14
C ARG B 102 -0.67 -21.04 23.85
N ALA B 103 -0.63 -20.22 22.78
CA ALA B 103 -1.87 -19.52 22.33
C ALA B 103 -2.98 -20.52 21.99
N GLN B 104 -2.67 -21.61 21.27
CA GLN B 104 -3.75 -22.54 20.95
C GLN B 104 -4.38 -23.16 22.24
N GLU B 105 -3.53 -23.54 23.17
CA GLU B 105 -3.98 -24.03 24.51
C GLU B 105 -4.83 -23.00 25.23
N GLU B 106 -4.44 -21.74 25.21
CA GLU B 106 -5.21 -20.74 25.93
C GLU B 106 -6.62 -20.57 25.39
N VAL B 107 -6.78 -20.73 24.08
CA VAL B 107 -8.10 -20.67 23.42
C VAL B 107 -8.92 -21.97 23.54
N TRP B 108 -8.30 -23.07 23.19
CA TRP B 108 -8.98 -24.36 22.97
C TRP B 108 -8.75 -25.40 24.12
N GLY B 109 -7.92 -25.08 25.11
CA GLY B 109 -7.37 -26.12 26.05
C GLY B 109 -8.44 -26.67 27.00
N GLU B 110 -9.47 -25.86 27.26
CA GLU B 110 -10.65 -26.25 28.03
C GLU B 110 -11.86 -26.59 27.16
N ASP B 111 -12.23 -25.70 26.24
CA ASP B 111 -13.33 -25.90 25.31
C ASP B 111 -12.83 -25.68 23.84
N PRO B 112 -12.64 -26.76 23.06
CA PRO B 112 -12.11 -26.68 21.69
C PRO B 112 -13.13 -26.17 20.65
N SER B 113 -14.34 -25.88 21.10
CA SER B 113 -15.34 -25.30 20.25
C SER B 113 -15.34 -23.80 20.40
N THR B 114 -14.37 -23.28 21.19
CA THR B 114 -14.22 -21.83 21.32
C THR B 114 -14.01 -21.21 19.92
N ARG B 115 -14.60 -20.04 19.67
CA ARG B 115 -14.45 -19.37 18.39
C ARG B 115 -13.72 -18.06 18.44
N ILE B 116 -13.19 -17.68 17.28
CA ILE B 116 -12.27 -16.52 17.16
C ILE B 116 -12.74 -15.63 16.02
N SER B 117 -12.89 -14.33 16.30
CA SER B 117 -13.21 -13.40 15.21
C SER B 117 -11.96 -12.65 14.74
N SER B 118 -12.11 -11.68 13.85
CA SER B 118 -10.96 -10.90 13.35
C SER B 118 -11.37 -9.53 12.80
N SER B 119 -10.39 -8.66 12.73
CA SER B 119 -10.45 -7.46 11.93
C SER B 119 -8.95 -7.26 11.60
N TYR B 120 -8.55 -7.76 10.46
CA TYR B 120 -7.13 -7.80 10.17
C TYR B 120 -6.64 -6.44 9.61
N ALA B 121 -7.55 -5.54 9.25
CA ALA B 121 -7.12 -4.20 8.73
C ALA B 121 -6.35 -3.43 9.81
N PRO B 122 -5.36 -2.61 9.39
CA PRO B 122 -4.49 -2.02 10.37
C PRO B 122 -5.14 -0.82 11.06
N MET B 123 -6.07 -1.04 11.97
CA MET B 123 -6.71 0.07 12.59
C MET B 123 -6.23 0.23 14.05
N GLY B 124 -4.96 -0.09 14.33
CA GLY B 124 -4.39 0.05 15.67
C GLY B 124 -2.97 -0.43 15.57
N ALA B 125 -2.28 -0.55 16.71
CA ALA B 125 -0.91 -0.96 16.73
C ALA B 125 -0.57 -1.56 18.07
N GLY B 126 0.50 -2.37 18.11
CA GLY B 126 1.06 -2.95 19.35
C GLY B 126 2.41 -2.29 19.63
N VAL B 127 2.57 -1.65 20.79
CA VAL B 127 3.85 -1.03 21.13
C VAL B 127 4.63 -2.01 22.03
N VAL B 128 5.87 -2.31 21.68
CA VAL B 128 6.73 -3.20 22.45
C VAL B 128 6.85 -2.72 23.90
N VAL B 129 6.48 -3.62 24.81
CA VAL B 129 6.60 -3.45 26.29
C VAL B 129 7.25 -4.78 26.75
N ASP B 130 7.70 -4.86 28.00
CA ASP B 130 8.38 -6.09 28.47
C ASP B 130 7.47 -7.32 28.34
N GLY B 131 7.90 -8.34 27.60
CA GLY B 131 7.16 -9.59 27.47
C GLY B 131 6.09 -9.62 26.36
N GLY B 132 5.85 -8.49 25.70
CA GLY B 132 4.81 -8.46 24.66
C GLY B 132 4.60 -7.05 24.14
N TYR B 133 3.35 -6.66 24.05
CA TYR B 133 2.93 -5.44 23.31
C TYR B 133 1.80 -4.87 24.05
N LEU B 134 1.74 -3.55 24.08
CA LEU B 134 0.58 -2.84 24.49
C LEU B 134 -0.25 -2.39 23.23
N VAL B 135 -1.48 -2.89 23.12
CA VAL B 135 -2.30 -2.75 21.95
C VAL B 135 -3.40 -1.76 22.19
N ASN B 136 -3.61 -0.88 21.21
CA ASN B 136 -4.63 0.10 21.18
C ASN B 136 -5.20 0.20 19.78
N GLY B 137 -6.51 0.38 19.67
CA GLY B 137 -7.08 0.68 18.38
C GLY B 137 -8.56 0.49 18.39
N SER B 138 -9.17 0.82 17.26
CA SER B 138 -10.60 0.59 17.08
C SER B 138 -10.83 -0.07 15.72
N TRP B 139 -11.14 -1.37 15.73
CA TRP B 139 -11.15 -2.16 14.51
C TRP B 139 -12.56 -2.47 14.03
N ASN B 140 -12.88 -2.11 12.80
CA ASN B 140 -14.25 -2.25 12.33
C ASN B 140 -14.43 -3.55 11.60
N TRP B 141 -15.66 -3.82 11.17
CA TRP B 141 -15.93 -4.91 10.22
C TRP B 141 -15.58 -6.31 10.78
N SER B 142 -15.85 -6.59 12.05
CA SER B 142 -15.49 -7.95 12.61
C SER B 142 -16.70 -8.88 12.49
N SER B 143 -16.85 -9.58 11.37
CA SER B 143 -18.02 -10.42 11.07
C SER B 143 -18.11 -11.51 12.08
N GLY B 144 -19.29 -11.64 12.68
CA GLY B 144 -19.56 -12.66 13.68
C GLY B 144 -18.92 -12.42 15.06
N CYS B 145 -18.42 -11.22 15.31
CA CYS B 145 -17.74 -10.98 16.54
C CYS B 145 -18.59 -11.26 17.78
N ASP B 146 -19.91 -11.18 17.67
CA ASP B 146 -20.79 -11.49 18.80
C ASP B 146 -20.79 -12.98 19.17
N HIS B 147 -20.23 -13.86 18.34
CA HIS B 147 -20.26 -15.31 18.54
C HIS B 147 -18.89 -15.92 18.76
N ALA B 148 -17.91 -15.07 19.11
CA ALA B 148 -16.55 -15.45 19.35
C ALA B 148 -16.17 -14.89 20.73
N SER B 149 -15.36 -15.65 21.47
CA SER B 149 -14.81 -15.18 22.77
C SER B 149 -13.32 -14.81 22.72
N TRP B 150 -12.72 -14.87 21.52
CA TRP B 150 -11.40 -14.30 21.27
C TRP B 150 -11.47 -13.57 19.90
N THR B 151 -10.55 -12.62 19.68
CA THR B 151 -10.45 -11.97 18.35
C THR B 151 -8.99 -11.88 17.94
N PHE B 152 -8.74 -11.94 16.64
CA PHE B 152 -7.54 -11.33 16.09
C PHE B 152 -7.83 -9.86 15.74
N VAL B 153 -6.79 -9.03 15.88
CA VAL B 153 -6.78 -7.66 15.37
C VAL B 153 -5.39 -7.50 14.72
N GLY B 154 -5.34 -6.88 13.54
CA GLY B 154 -4.11 -6.65 12.82
C GLY B 154 -3.51 -5.27 12.96
N GLY B 155 -2.20 -5.19 12.88
CA GLY B 155 -1.57 -3.89 12.95
C GLY B 155 -0.07 -4.06 13.02
N PRO B 156 0.65 -2.94 12.93
CA PRO B 156 2.09 -2.96 13.03
C PRO B 156 2.54 -3.09 14.50
N VAL B 157 3.78 -3.55 14.68
CA VAL B 157 4.43 -3.55 15.97
C VAL B 157 5.34 -2.33 16.00
N ILE B 158 5.25 -1.52 17.03
CA ILE B 158 6.08 -0.33 17.15
C ILE B 158 7.10 -0.41 18.29
N LYS B 159 8.37 -0.24 17.96
CA LYS B 159 9.45 -0.37 18.96
C LYS B 159 10.39 0.83 18.81
N ASP B 160 10.69 1.48 19.94
CA ASP B 160 11.62 2.62 19.99
C ASP B 160 11.10 3.64 18.98
N GLY B 161 9.79 3.82 18.97
CA GLY B 161 9.15 4.84 18.20
C GLY B 161 8.97 4.60 16.71
N ARG B 162 9.27 3.39 16.21
CA ARG B 162 9.25 3.03 14.77
CA ARG B 162 9.02 3.09 14.80
C ARG B 162 8.58 1.63 14.51
N PRO B 163 7.85 1.44 13.38
CA PRO B 163 7.37 0.05 13.03
C PRO B 163 8.49 -0.97 12.72
N VAL B 164 8.39 -2.18 13.28
CA VAL B 164 9.43 -3.18 13.14
C VAL B 164 8.79 -4.49 12.70
N ASP B 165 7.46 -4.59 12.77
CA ASP B 165 6.85 -5.83 12.44
C ASP B 165 5.38 -5.53 12.20
N PHE B 166 4.69 -6.52 11.65
CA PHE B 166 3.28 -6.45 11.41
C PHE B 166 2.67 -7.85 11.53
N GLY B 167 1.46 -7.95 12.11
CA GLY B 167 0.85 -9.27 12.17
C GLY B 167 -0.47 -9.27 12.86
N SER B 168 -0.85 -10.39 13.45
CA SER B 168 -2.13 -10.42 14.13
C SER B 168 -1.93 -10.62 15.66
N PHE B 169 -2.65 -9.83 16.46
CA PHE B 169 -2.71 -9.93 17.96
C PHE B 169 -3.95 -10.66 18.40
N LEU B 170 -3.80 -11.66 19.28
CA LEU B 170 -4.91 -12.50 19.77
C LEU B 170 -5.26 -12.04 21.17
N ILE B 171 -6.53 -11.64 21.34
CA ILE B 171 -6.94 -10.95 22.51
C ILE B 171 -8.26 -11.63 22.99
N PRO B 172 -8.38 -11.94 24.31
CA PRO B 172 -9.62 -12.55 24.84
C PRO B 172 -10.75 -11.50 24.99
N ARG B 173 -12.01 -11.97 24.92
CA ARG B 173 -13.22 -11.11 24.97
CA ARG B 173 -13.21 -11.11 24.97
C ARG B 173 -13.30 -10.17 26.19
N SER B 174 -12.78 -10.58 27.35
CA SER B 174 -12.78 -9.70 28.54
C SER B 174 -11.94 -8.45 28.40
N GLU B 175 -11.02 -8.44 27.41
CA GLU B 175 -10.19 -7.29 27.14
C GLU B 175 -10.57 -6.32 25.99
N TYR B 176 -11.74 -6.52 25.39
CA TYR B 176 -12.15 -5.59 24.36
C TYR B 176 -13.62 -5.36 24.47
N GLU B 177 -14.08 -4.22 23.90
CA GLU B 177 -15.51 -3.95 23.89
C GLU B 177 -15.99 -4.04 22.41
N ILE B 178 -17.16 -4.63 22.22
CA ILE B 178 -17.84 -4.64 20.93
C ILE B 178 -18.79 -3.45 20.89
N LYS B 179 -18.62 -2.60 19.89
CA LYS B 179 -19.51 -1.46 19.67
C LYS B 179 -20.45 -1.81 18.50
N ASP B 180 -21.75 -1.71 18.74
CA ASP B 180 -22.75 -2.04 17.72
C ASP B 180 -22.96 -0.87 16.71
N VAL B 181 -22.37 -1.02 15.53
CA VAL B 181 -22.44 -0.01 14.48
C VAL B 181 -23.00 -0.56 13.16
N TRP B 182 -23.60 -1.74 13.19
CA TRP B 182 -23.80 -2.46 11.94
C TRP B 182 -25.19 -2.24 11.32
N TYR B 183 -25.30 -1.12 10.58
CA TYR B 183 -26.51 -0.68 9.86
C TYR B 183 -26.10 -0.36 8.45
N VAL B 184 -26.33 -1.31 7.56
CA VAL B 184 -25.69 -1.33 6.26
C VAL B 184 -26.65 -1.82 5.18
N VAL B 185 -26.29 -1.51 3.94
CA VAL B 185 -27.04 -1.90 2.73
C VAL B 185 -27.18 -3.44 2.46
N GLY B 186 -26.11 -4.22 2.70
CA GLY B 186 -26.17 -5.67 2.46
C GLY B 186 -25.29 -6.38 3.44
N LEU B 187 -25.25 -7.69 3.36
CA LEU B 187 -24.68 -8.52 4.46
C LEU B 187 -25.09 -7.99 5.84
N ARG B 188 -26.36 -7.60 5.99
CA ARG B 188 -26.87 -7.03 7.23
C ARG B 188 -26.82 -7.95 8.42
N GLY B 189 -26.97 -9.23 8.16
CA GLY B 189 -26.98 -10.21 9.21
C GLY B 189 -25.63 -10.72 9.69
N THR B 190 -24.54 -10.07 9.26
CA THR B 190 -23.21 -10.56 9.62
C THR B 190 -22.73 -10.00 10.98
N GLY B 191 -23.41 -8.95 11.47
CA GLY B 191 -23.06 -8.19 12.66
C GLY B 191 -21.55 -7.95 12.67
N SER B 192 -21.09 -7.22 11.62
CA SER B 192 -19.67 -6.91 11.45
C SER B 192 -19.29 -5.68 12.25
N ASN B 193 -19.34 -5.84 13.58
CA ASN B 193 -19.18 -4.71 14.47
C ASN B 193 -17.74 -4.33 14.80
N THR B 194 -17.58 -3.30 15.65
CA THR B 194 -16.30 -2.64 15.92
C THR B 194 -15.77 -3.09 17.30
N LEU B 195 -14.48 -3.46 17.31
CA LEU B 195 -13.77 -3.96 18.50
C LEU B 195 -12.91 -2.83 19.04
N VAL B 196 -13.15 -2.40 20.27
CA VAL B 196 -12.40 -1.26 20.84
C VAL B 196 -11.44 -1.86 21.84
N VAL B 197 -10.14 -1.59 21.64
CA VAL B 197 -9.04 -2.13 22.40
C VAL B 197 -8.25 -0.95 23.06
N LYS B 198 -8.21 -0.89 24.40
CA LYS B 198 -7.49 0.19 25.14
C LYS B 198 -6.43 -0.36 26.08
N ASP B 199 -5.19 -0.01 25.79
CA ASP B 199 -4.04 -0.37 26.60
C ASP B 199 -4.11 -1.84 27.02
N VAL B 200 -4.22 -2.75 26.06
CA VAL B 200 -4.28 -4.16 26.41
C VAL B 200 -2.91 -4.81 26.25
N PHE B 201 -2.37 -5.40 27.32
CA PHE B 201 -1.13 -6.17 27.16
C PHE B 201 -1.37 -7.50 26.46
N VAL B 202 -0.52 -7.80 25.46
CA VAL B 202 -0.61 -9.04 24.70
C VAL B 202 0.79 -9.66 24.78
N PRO B 203 0.89 -10.89 25.37
CA PRO B 203 2.23 -11.54 25.40
C PRO B 203 2.70 -11.94 24.00
N ARG B 204 4.01 -12.01 23.80
CA ARG B 204 4.54 -12.38 22.46
C ARG B 204 3.94 -13.65 21.87
N HIS B 205 3.66 -14.65 22.71
CA HIS B 205 3.12 -15.85 22.17
C HIS B 205 1.71 -15.72 21.55
N ARG B 206 1.03 -14.58 21.76
CA ARG B 206 -0.27 -14.36 21.20
C ARG B 206 -0.20 -13.26 20.09
N PHE B 207 0.96 -13.14 19.45
CA PHE B 207 1.20 -12.35 18.25
C PHE B 207 1.74 -13.32 17.21
N LEU B 208 1.23 -13.21 15.97
CA LEU B 208 1.84 -13.96 14.89
C LEU B 208 2.12 -12.98 13.75
N SER B 209 3.38 -12.92 13.36
CA SER B 209 3.84 -12.03 12.36
C SER B 209 3.45 -12.57 10.94
N TYR B 210 3.03 -11.67 10.04
CA TYR B 210 2.79 -11.98 8.63
C TYR B 210 4.06 -12.56 8.03
N LYS B 211 5.23 -12.03 8.39
CA LYS B 211 6.51 -12.59 7.92
C LYS B 211 6.71 -14.08 8.22
N ALA B 212 6.59 -14.45 9.49
CA ALA B 212 6.62 -15.87 9.91
C ALA B 212 5.62 -16.80 9.21
N MET B 213 4.37 -16.34 9.04
CA MET B 213 3.38 -17.12 8.28
C MET B 213 3.88 -17.38 6.90
N ASN B 214 4.30 -16.33 6.22
CA ASN B 214 4.75 -16.52 4.84
C ASN B 214 6.14 -17.19 4.72
N ASP B 215 6.92 -17.14 5.80
CA ASP B 215 8.21 -17.86 5.99
C ASP B 215 8.17 -19.35 6.14
N HIS B 216 7.01 -19.88 6.52
CA HIS B 216 6.90 -21.27 6.98
C HIS B 216 7.60 -21.46 8.35
N THR B 217 7.72 -20.39 9.12
CA THR B 217 8.28 -20.47 10.44
C THR B 217 7.28 -20.15 11.57
N ALA B 218 6.01 -20.02 11.24
CA ALA B 218 4.98 -19.83 12.25
C ALA B 218 5.08 -20.94 13.33
N GLY B 219 5.02 -20.56 14.61
CA GLY B 219 5.23 -21.49 15.71
C GLY B 219 4.30 -22.68 15.74
N GLY B 220 3.07 -22.50 15.25
CA GLY B 220 2.08 -23.58 15.23
C GLY B 220 2.49 -24.75 14.35
N LEU B 221 3.33 -24.51 13.36
CA LEU B 221 3.64 -25.60 12.42
C LEU B 221 4.47 -26.74 13.07
N ALA B 222 5.21 -26.47 14.15
CA ALA B 222 5.94 -27.58 14.85
C ALA B 222 4.94 -28.63 15.33
N THR B 223 3.78 -28.24 15.89
CA THR B 223 2.79 -29.23 16.38
C THR B 223 1.62 -29.57 15.44
N ASN B 224 1.40 -28.76 14.40
CA ASN B 224 0.28 -28.97 13.46
C ASN B 224 0.85 -29.17 12.06
N SER B 225 1.10 -30.42 11.69
CA SER B 225 1.84 -30.72 10.47
C SER B 225 0.95 -31.03 9.23
N ALA B 226 -0.37 -31.17 9.37
CA ALA B 226 -1.23 -31.42 8.24
C ALA B 226 -0.90 -30.45 7.10
N PRO B 227 -0.95 -30.95 5.87
CA PRO B 227 -0.52 -30.05 4.79
C PRO B 227 -1.42 -28.79 4.60
N VAL B 228 -2.66 -28.82 5.08
CA VAL B 228 -3.52 -27.64 4.88
C VAL B 228 -2.94 -26.38 5.58
N TYR B 229 -2.15 -26.58 6.66
CA TYR B 229 -1.56 -25.46 7.44
C TYR B 229 -0.39 -24.88 6.69
N LYS B 230 -0.02 -25.48 5.55
CA LYS B 230 1.02 -24.90 4.70
C LYS B 230 0.45 -24.11 3.51
N MET B 231 -0.87 -23.98 3.47
CA MET B 231 -1.51 -23.22 2.36
C MET B 231 -1.10 -21.77 2.50
N PRO B 232 -0.91 -21.09 1.37
CA PRO B 232 -0.50 -19.68 1.49
C PRO B 232 -1.63 -18.80 2.02
N TRP B 233 -1.26 -17.86 2.89
CA TRP B 233 -2.15 -16.82 3.37
C TRP B 233 -2.79 -16.02 2.23
N GLY B 234 -2.00 -15.76 1.18
CA GLY B 234 -2.44 -14.94 0.05
C GLY B 234 -3.52 -15.63 -0.77
N THR B 235 -3.62 -16.94 -0.64
CA THR B 235 -4.79 -17.67 -1.19
C THR B 235 -5.94 -17.88 -0.21
N MET B 236 -5.63 -18.32 1.03
CA MET B 236 -6.68 -18.65 1.98
C MET B 236 -7.49 -17.42 2.35
N HIS B 237 -6.79 -16.32 2.61
CA HIS B 237 -7.44 -15.12 3.09
C HIS B 237 -8.49 -14.52 2.04
N PRO B 238 -8.08 -14.21 0.79
CA PRO B 238 -9.15 -13.69 -0.09
C PRO B 238 -10.21 -14.72 -0.47
N THR B 239 -9.86 -16.02 -0.52
CA THR B 239 -10.82 -17.06 -0.91
C THR B 239 -11.89 -17.17 0.13
N THR B 240 -11.54 -16.84 1.40
CA THR B 240 -12.52 -16.78 2.48
C THR B 240 -13.74 -15.90 2.16
N ILE B 241 -13.51 -14.87 1.37
CA ILE B 241 -14.52 -13.84 1.04
C ILE B 241 -15.14 -14.24 -0.33
N SER B 242 -14.28 -14.62 -1.28
CA SER B 242 -14.70 -14.93 -2.63
C SER B 242 -15.68 -16.13 -2.67
N ALA B 243 -15.38 -17.16 -1.89
CA ALA B 243 -16.20 -18.37 -1.91
C ALA B 243 -17.69 -18.12 -1.52
N PRO B 244 -17.98 -17.52 -0.37
CA PRO B 244 -19.40 -17.20 -0.18
C PRO B 244 -20.05 -16.25 -1.22
N ILE B 245 -19.28 -15.34 -1.81
CA ILE B 245 -19.80 -14.42 -2.80
C ILE B 245 -20.23 -15.25 -4.01
N VAL B 246 -19.38 -16.16 -4.48
CA VAL B 246 -19.78 -17.11 -5.51
C VAL B 246 -21.04 -17.89 -5.14
N GLY B 247 -21.10 -18.41 -3.90
CA GLY B 247 -22.28 -19.08 -3.38
C GLY B 247 -23.56 -18.24 -3.40
N MET B 248 -23.45 -16.94 -3.11
CA MET B 248 -24.59 -16.06 -3.23
C MET B 248 -25.14 -16.01 -4.66
N ALA B 249 -24.28 -16.21 -5.66
CA ALA B 249 -24.73 -16.28 -7.07
C ALA B 249 -25.54 -17.55 -7.33
N TYR B 250 -25.17 -18.68 -6.71
CA TYR B 250 -26.01 -19.90 -6.69
C TYR B 250 -27.36 -19.61 -6.04
N GLY B 251 -27.39 -18.69 -5.10
CA GLY B 251 -28.61 -18.45 -4.39
C GLY B 251 -29.53 -17.59 -5.22
N ALA B 252 -28.95 -16.58 -5.87
CA ALA B 252 -29.66 -15.70 -6.76
C ALA B 252 -30.25 -16.53 -7.91
N TYR B 253 -29.48 -17.49 -8.39
CA TYR B 253 -29.96 -18.30 -9.47
C TYR B 253 -31.16 -19.18 -9.06
N ALA B 254 -31.15 -19.71 -7.85
CA ALA B 254 -32.19 -20.63 -7.39
C ALA B 254 -33.43 -19.84 -6.98
N ALA B 255 -33.21 -18.63 -6.47
CA ALA B 255 -34.28 -17.64 -6.31
C ALA B 255 -34.97 -17.26 -7.61
N HIS B 256 -34.24 -17.35 -8.72
CA HIS B 256 -34.79 -16.99 -10.02
C HIS B 256 -35.61 -18.16 -10.62
N VAL B 257 -35.13 -19.39 -10.44
CA VAL B 257 -35.91 -20.59 -10.75
C VAL B 257 -37.20 -20.71 -9.90
N GLU B 258 -37.07 -20.84 -8.58
CA GLU B 258 -38.20 -20.83 -7.64
C GLU B 258 -38.96 -19.48 -7.64
N HIS B 259 -39.88 -19.31 -8.60
CA HIS B 259 -40.66 -18.05 -8.79
C HIS B 259 -41.30 -18.01 -10.18
N ALA B 284 -29.21 -17.32 -18.62
CA ALA B 284 -29.00 -17.86 -19.99
C ALA B 284 -27.68 -18.68 -20.11
N GLU B 285 -26.58 -17.94 -20.11
CA GLU B 285 -25.25 -18.45 -19.81
C GLU B 285 -25.08 -18.34 -18.26
N ALA B 286 -26.12 -17.88 -17.53
CA ALA B 286 -26.02 -17.49 -16.12
C ALA B 286 -25.54 -18.64 -15.27
N ALA B 287 -26.33 -19.74 -15.26
CA ALA B 287 -26.04 -20.95 -14.46
C ALA B 287 -24.65 -21.50 -14.68
N SER B 288 -24.14 -21.35 -15.90
CA SER B 288 -22.90 -21.95 -16.26
C SER B 288 -21.71 -20.99 -16.15
N ASP B 289 -21.98 -19.69 -16.27
CA ASP B 289 -21.00 -18.66 -15.93
C ASP B 289 -20.68 -18.68 -14.42
N ILE B 290 -21.67 -19.03 -13.60
CA ILE B 290 -21.53 -19.20 -12.18
C ILE B 290 -20.69 -20.44 -11.85
N ASP B 291 -21.06 -21.56 -12.47
CA ASP B 291 -20.27 -22.76 -12.42
C ASP B 291 -18.81 -22.58 -12.77
N ALA B 292 -18.59 -21.85 -13.85
CA ALA B 292 -17.23 -21.60 -14.30
C ALA B 292 -16.47 -20.71 -13.32
N ALA B 293 -17.17 -19.79 -12.68
CA ALA B 293 -16.53 -18.90 -11.69
C ALA B 293 -16.13 -19.80 -10.47
N TRP B 294 -17.04 -20.64 -10.02
CA TRP B 294 -16.68 -21.62 -9.00
C TRP B 294 -15.50 -22.49 -9.35
N ARG B 295 -15.50 -23.15 -10.51
CA ARG B 295 -14.41 -24.08 -10.86
C ARG B 295 -13.03 -23.40 -10.91
N GLN B 296 -13.00 -22.20 -11.46
CA GLN B 296 -11.81 -21.38 -11.44
C GLN B 296 -11.31 -21.06 -9.99
N LEU B 297 -12.19 -20.57 -9.13
CA LEU B 297 -11.78 -20.17 -7.78
C LEU B 297 -11.26 -21.37 -7.00
N ILE B 298 -12.06 -22.42 -6.95
CA ILE B 298 -11.67 -23.58 -6.19
C ILE B 298 -10.59 -24.39 -6.87
N GLY B 299 -10.53 -24.33 -8.20
CA GLY B 299 -9.44 -25.00 -8.90
C GLY B 299 -8.05 -24.57 -8.39
N ASN B 300 -7.87 -23.28 -8.11
CA ASN B 300 -6.59 -22.77 -7.58
C ASN B 300 -6.29 -23.30 -6.18
N VAL B 301 -7.32 -23.43 -5.34
CA VAL B 301 -7.17 -24.00 -4.01
C VAL B 301 -6.72 -25.48 -4.08
N SER B 302 -7.35 -26.30 -4.92
CA SER B 302 -7.01 -27.71 -4.96
C SER B 302 -5.70 -27.96 -5.67
N ASP B 303 -5.38 -27.21 -6.73
CA ASP B 303 -4.05 -27.24 -7.28
C ASP B 303 -2.98 -26.96 -6.22
N GLU B 304 -3.21 -25.92 -5.43
CA GLU B 304 -2.25 -25.60 -4.38
C GLU B 304 -2.17 -26.77 -3.37
N TYR B 305 -3.30 -27.22 -2.88
CA TYR B 305 -3.33 -28.27 -1.89
C TYR B 305 -2.74 -29.60 -2.39
N ALA B 306 -2.91 -29.87 -3.68
CA ALA B 306 -2.47 -31.13 -4.24
C ALA B 306 -0.93 -31.16 -4.24
N LEU B 307 -0.30 -30.02 -4.46
CA LEU B 307 1.14 -29.95 -4.39
C LEU B 307 1.70 -30.14 -2.97
N LEU B 308 1.04 -29.55 -1.98
CA LEU B 308 1.42 -29.67 -0.56
C LEU B 308 1.22 -31.11 -0.11
N ALA B 309 0.07 -31.70 -0.40
CA ALA B 309 -0.16 -33.09 -0.04
C ALA B 309 0.81 -34.11 -0.67
N ALA B 310 1.59 -33.71 -1.66
CA ALA B 310 2.59 -34.57 -2.32
C ALA B 310 3.98 -34.12 -1.90
N GLY B 311 4.00 -33.32 -0.84
CA GLY B 311 5.17 -32.65 -0.36
C GLY B 311 5.91 -31.79 -1.34
N LYS B 312 5.22 -31.20 -2.31
CA LYS B 312 5.85 -30.24 -3.21
C LYS B 312 5.62 -28.78 -2.76
N GLU B 313 6.42 -27.86 -3.31
CA GLU B 313 6.26 -26.44 -3.07
C GLU B 313 5.26 -25.82 -4.03
N ILE B 314 4.61 -24.77 -3.56
CA ILE B 314 3.67 -24.04 -4.44
C ILE B 314 4.49 -22.95 -5.16
N PRO B 315 4.50 -22.96 -6.51
CA PRO B 315 5.15 -21.93 -7.34
C PRO B 315 4.50 -20.56 -7.12
N PHE B 316 5.30 -19.50 -7.03
CA PHE B 316 4.81 -18.12 -7.06
C PHE B 316 3.75 -17.87 -8.14
N GLU B 317 4.03 -18.34 -9.36
CA GLU B 317 3.16 -18.19 -10.53
C GLU B 317 1.76 -18.66 -10.22
N LEU B 318 1.64 -19.75 -9.41
CA LEU B 318 0.33 -20.30 -9.01
C LEU B 318 -0.36 -19.36 -8.05
N ARG B 319 0.38 -18.90 -7.06
CA ARG B 319 -0.19 -17.97 -6.08
C ARG B 319 -0.64 -16.64 -6.78
N ALA B 320 0.13 -16.18 -7.76
CA ALA B 320 -0.18 -14.93 -8.53
C ALA B 320 -1.46 -15.11 -9.35
N ARG B 321 -1.61 -16.30 -9.96
CA ARG B 321 -2.76 -16.71 -10.69
C ARG B 321 -4.00 -16.77 -9.84
N ALA B 322 -3.92 -17.36 -8.63
CA ALA B 322 -5.05 -17.39 -7.67
C ALA B 322 -5.49 -15.99 -7.24
N ARG B 323 -4.55 -15.08 -6.98
CA ARG B 323 -4.91 -13.68 -6.74
C ARG B 323 -5.71 -13.03 -7.87
N ARG B 324 -5.21 -13.13 -9.11
CA ARG B 324 -5.94 -12.51 -10.21
C ARG B 324 -7.35 -13.13 -10.39
N ASP B 325 -7.50 -14.40 -10.00
CA ASP B 325 -8.75 -15.09 -10.26
C ASP B 325 -9.77 -14.78 -9.20
N GLN B 326 -9.33 -14.20 -8.08
CA GLN B 326 -10.27 -13.71 -7.07
C GLN B 326 -11.29 -12.74 -7.72
N VAL B 327 -10.78 -11.75 -8.44
CA VAL B 327 -11.64 -10.72 -9.06
C VAL B 327 -12.37 -11.25 -10.31
N ARG B 328 -11.69 -12.08 -11.08
CA ARG B 328 -12.36 -12.70 -12.23
C ARG B 328 -13.56 -13.48 -11.79
N ALA B 329 -13.42 -14.26 -10.72
CA ALA B 329 -14.48 -15.14 -10.30
C ALA B 329 -15.59 -14.39 -9.59
N THR B 330 -15.28 -13.47 -8.67
CA THR B 330 -16.38 -12.73 -8.06
C THR B 330 -17.08 -11.76 -9.05
N GLY B 331 -16.28 -11.26 -9.99
CA GLY B 331 -16.76 -10.40 -11.06
C GLY B 331 -17.73 -11.11 -11.97
N ARG B 332 -17.36 -12.29 -12.48
CA ARG B 332 -18.31 -13.16 -13.21
C ARG B 332 -19.58 -13.53 -12.45
N SER B 333 -19.45 -13.93 -11.17
CA SER B 333 -20.61 -14.25 -10.35
C SER B 333 -21.58 -13.10 -10.19
N ILE B 334 -21.05 -11.91 -9.90
CA ILE B 334 -21.84 -10.77 -9.66
C ILE B 334 -22.51 -10.25 -10.96
N ALA B 335 -21.86 -10.37 -12.10
CA ALA B 335 -22.47 -10.06 -13.40
C ALA B 335 -23.70 -10.97 -13.62
N SER B 336 -23.57 -12.26 -13.28
CA SER B 336 -24.66 -13.22 -13.41
C SER B 336 -25.82 -12.84 -12.49
N ILE B 337 -25.50 -12.43 -11.26
CA ILE B 337 -26.48 -12.02 -10.32
C ILE B 337 -27.23 -10.78 -10.83
N ASP B 338 -26.52 -9.80 -11.37
CA ASP B 338 -27.19 -8.60 -11.90
C ASP B 338 -28.18 -8.88 -13.07
N ARG B 339 -27.78 -9.78 -13.97
CA ARG B 339 -28.63 -10.28 -15.06
C ARG B 339 -29.89 -10.95 -14.49
N LEU B 340 -29.72 -11.88 -13.53
CA LEU B 340 -30.82 -12.56 -12.89
C LEU B 340 -31.74 -11.59 -12.20
N PHE B 341 -31.19 -10.62 -11.50
CA PHE B 341 -31.96 -9.62 -10.77
C PHE B 341 -32.90 -8.86 -11.68
N GLU B 342 -32.40 -8.55 -12.88
CA GLU B 342 -33.14 -7.80 -13.88
C GLU B 342 -34.05 -8.68 -14.76
N ALA B 343 -34.05 -9.99 -14.54
CA ALA B 343 -34.85 -10.90 -15.33
C ALA B 343 -35.74 -11.71 -14.40
N SER B 344 -36.20 -11.10 -13.31
CA SER B 344 -37.07 -11.81 -12.37
C SER B 344 -38.41 -11.08 -12.11
N GLY B 345 -38.92 -10.33 -13.09
CA GLY B 345 -40.19 -9.62 -12.91
C GLY B 345 -39.99 -8.36 -12.09
N ALA B 346 -41.02 -7.51 -12.04
CA ALA B 346 -40.96 -6.28 -11.29
C ALA B 346 -40.95 -6.60 -9.78
N THR B 347 -41.51 -7.75 -9.42
CA THR B 347 -41.48 -8.20 -8.03
C THR B 347 -40.05 -8.30 -7.44
N ALA B 348 -39.00 -8.42 -8.28
CA ALA B 348 -37.59 -8.43 -7.82
C ALA B 348 -37.19 -7.30 -6.86
N LEU B 349 -37.81 -6.15 -6.99
CA LEU B 349 -37.49 -5.00 -6.20
C LEU B 349 -38.08 -5.02 -4.81
N SER B 350 -38.98 -5.95 -4.57
CA SER B 350 -39.75 -5.93 -3.34
C SER B 350 -38.83 -6.35 -2.18
N ASN B 351 -39.03 -5.77 -1.00
CA ASN B 351 -38.37 -6.20 0.23
C ASN B 351 -38.63 -7.65 0.57
N GLU B 352 -39.79 -8.14 0.12
CA GLU B 352 -40.25 -9.52 0.34
C GLU B 352 -39.60 -10.60 -0.58
N ALA B 353 -38.62 -10.19 -1.41
CA ALA B 353 -38.07 -10.97 -2.50
C ALA B 353 -36.63 -11.46 -2.24
N PRO B 354 -36.41 -12.77 -2.16
CA PRO B 354 -35.03 -13.31 -1.92
C PRO B 354 -33.90 -12.78 -2.83
N ILE B 355 -34.21 -12.58 -4.11
CA ILE B 355 -33.20 -12.22 -5.10
C ILE B 355 -32.54 -10.87 -4.76
N GLN B 356 -33.30 -9.88 -4.33
CA GLN B 356 -32.67 -8.59 -4.01
C GLN B 356 -31.74 -8.70 -2.79
N ARG B 357 -31.97 -9.73 -1.96
CA ARG B 357 -31.13 -9.96 -0.77
C ARG B 357 -29.78 -10.52 -1.18
N PHE B 358 -29.78 -11.51 -2.06
CA PHE B 358 -28.55 -12.09 -2.58
C PHE B 358 -27.77 -11.09 -3.43
N TRP B 359 -28.47 -10.29 -4.24
CA TRP B 359 -27.90 -9.17 -5.00
C TRP B 359 -27.20 -8.18 -4.02
N ARG B 360 -27.90 -7.73 -3.00
CA ARG B 360 -27.31 -6.76 -2.04
C ARG B 360 -26.11 -7.34 -1.26
N ASP B 361 -26.22 -8.59 -0.84
CA ASP B 361 -25.19 -9.27 -0.07
C ASP B 361 -23.93 -9.51 -0.92
N ALA B 362 -24.08 -10.01 -2.15
CA ALA B 362 -22.90 -10.18 -2.98
C ALA B 362 -22.20 -8.86 -3.28
N HIS B 363 -22.95 -7.82 -3.53
CA HIS B 363 -22.41 -6.56 -3.84
C HIS B 363 -21.71 -5.95 -2.62
N ALA B 364 -22.33 -6.02 -1.44
CA ALA B 364 -21.70 -5.62 -0.16
C ALA B 364 -20.37 -6.39 -0.02
N GLY B 365 -20.38 -7.69 -0.28
CA GLY B 365 -19.16 -8.49 -0.22
C GLY B 365 -18.06 -7.99 -1.12
N ARG B 366 -18.40 -7.64 -2.36
CA ARG B 366 -17.39 -7.18 -3.31
C ARG B 366 -16.91 -5.81 -2.87
N VAL B 367 -17.75 -5.00 -2.26
CA VAL B 367 -17.16 -3.75 -1.79
C VAL B 367 -16.12 -3.96 -0.64
N HIS B 368 -16.42 -4.88 0.25
CA HIS B 368 -15.44 -5.29 1.25
C HIS B 368 -14.15 -5.77 0.59
N ALA B 369 -14.25 -6.65 -0.43
CA ALA B 369 -13.12 -7.20 -1.14
C ALA B 369 -12.33 -6.12 -1.81
N ALA B 370 -13.00 -5.15 -2.44
CA ALA B 370 -12.30 -4.13 -3.24
C ALA B 370 -11.62 -3.13 -2.30
N ASN B 371 -12.01 -3.09 -1.04
CA ASN B 371 -11.35 -2.20 -0.05
C ASN B 371 -10.27 -2.89 0.82
N ASP B 372 -9.84 -4.07 0.42
CA ASP B 372 -8.89 -4.85 1.22
C ASP B 372 -7.50 -4.22 1.14
N PRO B 373 -6.91 -3.78 2.29
CA PRO B 373 -5.59 -3.20 2.22
C PRO B 373 -4.49 -4.13 1.69
N GLU B 374 -4.66 -5.46 1.73
CA GLU B 374 -3.64 -6.34 1.11
C GLU B 374 -3.48 -6.14 -0.37
N ARG B 375 -4.50 -5.68 -1.04
CA ARG B 375 -4.26 -5.21 -2.44
C ARG B 375 -3.03 -4.30 -2.55
N ALA B 376 -2.73 -3.52 -1.51
CA ALA B 376 -1.62 -2.59 -1.54
C ALA B 376 -0.37 -3.24 -0.98
N TYR B 377 -0.56 -4.11 0.03
CA TYR B 377 0.61 -4.71 0.73
C TYR B 377 1.53 -5.43 -0.22
N VAL B 378 0.92 -6.07 -1.16
CA VAL B 378 1.57 -6.85 -2.20
C VAL B 378 2.60 -6.03 -3.04
N ILE B 379 2.45 -4.71 -3.02
CA ILE B 379 3.31 -3.76 -3.74
C ILE B 379 4.53 -3.35 -2.93
N PHE B 380 4.40 -3.37 -1.59
CA PHE B 380 5.51 -3.01 -0.73
C PHE B 380 6.70 -3.94 -0.90
N GLY B 381 7.88 -3.35 -1.03
CA GLY B 381 9.12 -4.10 -1.09
C GLY B 381 10.19 -3.74 -0.07
N ASN B 382 9.87 -2.90 0.92
CA ASN B 382 10.91 -2.31 1.71
C ASN B 382 10.55 -2.24 3.17
N HIS B 383 9.72 -3.20 3.61
CA HIS B 383 9.38 -3.38 5.03
C HIS B 383 8.53 -2.23 5.52
N GLU B 384 7.86 -1.52 4.61
CA GLU B 384 6.96 -0.41 5.02
C GLU B 384 5.98 -0.88 6.14
N PHE B 385 5.94 -0.13 7.24
CA PHE B 385 5.04 -0.39 8.37
C PHE B 385 5.22 -1.75 9.03
N GLY B 386 6.42 -2.30 8.90
CA GLY B 386 6.73 -3.61 9.46
C GLY B 386 6.30 -4.78 8.60
N LEU B 387 5.74 -4.48 7.42
CA LEU B 387 5.26 -5.53 6.49
C LEU B 387 6.38 -6.38 5.84
N PRO B 388 6.07 -7.64 5.48
CA PRO B 388 6.99 -8.57 4.85
C PRO B 388 7.15 -8.16 3.39
N PRO B 389 8.09 -8.79 2.64
CA PRO B 389 8.16 -8.41 1.22
C PRO B 389 6.79 -8.70 0.60
N GLY B 390 6.29 -7.76 -0.21
CA GLY B 390 4.98 -7.86 -0.82
C GLY B 390 4.74 -9.15 -1.57
N ASP B 391 5.76 -9.65 -2.27
CA ASP B 391 5.62 -10.86 -3.06
CA ASP B 391 5.60 -10.86 -3.06
C ASP B 391 5.28 -12.09 -2.20
N THR B 392 5.73 -12.11 -0.94
CA THR B 392 5.25 -13.12 0.01
C THR B 392 3.74 -13.06 0.33
N MET B 393 3.10 -11.89 0.15
CA MET B 393 1.67 -11.70 0.47
C MET B 393 0.71 -12.11 -0.67
N VAL B 394 1.26 -12.47 -1.82
CA VAL B 394 0.47 -12.72 -3.03
C VAL B 394 -0.34 -14.05 -2.94
#